data_6XZW
#
_entry.id   6XZW
#
_cell.length_a   47.340
_cell.length_b   90.400
_cell.length_c   97.940
_cell.angle_alpha   90.000
_cell.angle_beta   98.819
_cell.angle_gamma   90.000
#
_symmetry.space_group_name_H-M   'P 1 21 1'
#
loop_
_entity.id
_entity.type
_entity.pdbx_description
1 polymer 'Lipoprot_C domain-containing protein'
2 polymer 'Fab 4B3 (light chain)'
3 polymer 'Fab 4B3 (heavy chain)'
4 non-polymer 1,2-ETHANEDIOL
5 water water
#
loop_
_entity_poly.entity_id
_entity_poly.type
_entity_poly.pdbx_seq_one_letter_code
_entity_poly.pdbx_strand_id
1 'polypeptide(L)'
;MVAADIGAGLADALTAPLDHKDKGLQSLTLDQSVRKNEKLKLAAQGAEKTYGNGDSLNTGKLKNDKVSRFDFIRQIEVDG
QLITLESGEFQVYKQSHSALTAFQTEQIQDSEHSGKMVAKRQFRIGDIAGEHTSFDKLPEGGRATYRGTAFGSDDAGGKL
TYTIDFAAKQGNGKIEHLKSPELNVDLAAADIKPDGKRHAVISGSVLYNQAEKGSYSLGIFGGKAQEVAGSAEVKTVNGI
RHIGLAAKQEH
;
D
2 'polypeptide(L)'
;EIVMTQSPGTLSLSPGETATLSCRASQMISSPFLAWYQQRRGQAPRLLIYGASTRATDTPDRFRGSGSGTDFILTISRLE
PEDFAVYYCQYYDDSPFTFGQGTKLEIKRTVAAPSVFIFPPSDEQLKSGTASVVCLLNNFYPREAKVQWKVDNALQSGNS
QESVTEQDSKDSTYSLSSTLTLSKADYEKHKVYACEVTHQGLSSPVTKSFNRGEC
;
L
3 'polypeptide(L)'
;QVQLVQSGGGLVKPGGSLRLSCAASGFPFSSYYMSWIRQAPGKGLEWVSDINNSGNVKEYADFVKGRLTISRDNVKNSMY
LHMNSLRVEDTAVYYCARNRGRFDVWGQGTLVTVSAASTKGPSVFPLAPSSKSTSGGTAALGCLVKDYFPEPVTVSWNSG
ALTSGVHTFPAVLQSSGLYSLSSVVTVPSSSLGTQTYICNVNHKPSNTKVDKRVEPKSCDK
;
H
#
# COMPACT_ATOMS: atom_id res chain seq x y z
N ALA A 8 -4.52 -40.53 29.31
CA ALA A 8 -4.80 -41.96 29.39
C ALA A 8 -3.50 -42.73 29.23
N GLY A 9 -3.11 -42.96 27.98
CA GLY A 9 -1.98 -43.80 27.64
C GLY A 9 -0.62 -43.18 27.88
N LEU A 10 -0.46 -42.48 29.02
CA LEU A 10 0.80 -41.85 29.35
C LEU A 10 1.92 -42.87 29.44
N ALA A 11 1.75 -43.88 30.30
CA ALA A 11 2.78 -44.91 30.46
C ALA A 11 3.02 -45.67 29.16
N ASP A 12 1.97 -45.86 28.36
CA ASP A 12 2.15 -46.49 27.05
C ASP A 12 3.06 -45.65 26.18
N ALA A 13 2.82 -44.33 26.13
CA ALA A 13 3.66 -43.43 25.35
C ALA A 13 5.12 -43.53 25.74
N LEU A 14 5.39 -43.77 27.03
CA LEU A 14 6.76 -43.95 27.51
C LEU A 14 7.34 -45.32 27.16
N THR A 15 6.51 -46.31 26.85
CA THR A 15 7.02 -47.67 26.63
C THR A 15 6.72 -48.24 25.26
N ALA A 16 5.49 -48.06 24.75
CA ALA A 16 5.14 -48.64 23.46
C ALA A 16 5.99 -48.04 22.34
N PRO A 17 6.59 -48.85 21.47
CA PRO A 17 7.33 -48.29 20.33
C PRO A 17 6.38 -47.65 19.33
N LEU A 18 6.97 -46.96 18.36
CA LEU A 18 6.22 -46.17 17.40
C LEU A 18 5.33 -47.08 16.54
N ASP A 19 4.05 -46.77 16.50
CA ASP A 19 3.09 -47.57 15.74
C ASP A 19 2.38 -46.56 14.83
N HIS A 20 2.44 -46.79 13.51
CA HIS A 20 1.98 -45.81 12.54
C HIS A 20 0.47 -45.99 12.27
N LYS A 21 -0.26 -46.68 13.14
CA LYS A 21 -1.72 -46.81 13.02
C LYS A 21 -2.44 -46.24 14.23
N ASP A 22 -1.75 -45.56 15.14
CA ASP A 22 -2.43 -44.81 16.19
C ASP A 22 -3.05 -43.53 15.63
N LYS A 23 -3.86 -42.87 16.46
CA LYS A 23 -4.57 -41.68 16.08
C LYS A 23 -3.65 -40.46 16.16
N GLY A 24 -4.14 -39.33 15.65
CA GLY A 24 -3.53 -38.01 15.76
C GLY A 24 -2.07 -38.02 15.34
N LEU A 25 -1.33 -36.99 15.71
CA LEU A 25 0.09 -36.97 15.38
C LEU A 25 0.77 -38.11 16.13
N GLN A 26 1.47 -38.95 15.38
CA GLN A 26 1.93 -40.19 15.99
C GLN A 26 3.31 -40.08 16.61
N SER A 27 4.15 -39.16 16.15
CA SER A 27 5.41 -38.92 16.85
C SER A 27 5.77 -37.45 16.72
N LEU A 28 6.67 -37.02 17.60
CA LEU A 28 7.15 -35.65 17.65
C LEU A 28 8.63 -35.70 17.99
N THR A 29 9.47 -35.13 17.13
CA THR A 29 10.91 -35.15 17.37
C THR A 29 11.26 -34.08 18.40
N LEU A 30 11.98 -34.47 19.44
CA LEU A 30 12.40 -33.54 20.50
C LEU A 30 13.68 -32.85 20.05
N ASP A 31 13.56 -31.63 19.54
CA ASP A 31 14.72 -30.82 19.17
C ASP A 31 14.98 -29.72 20.20
N GLN A 32 14.04 -28.78 20.35
CA GLN A 32 14.25 -27.74 21.34
C GLN A 32 13.70 -28.10 22.72
N SER A 33 13.40 -29.38 22.95
CA SER A 33 13.09 -29.84 24.30
C SER A 33 14.29 -30.45 24.99
N VAL A 34 15.21 -31.01 24.20
CA VAL A 34 16.44 -31.60 24.72
C VAL A 34 17.57 -31.11 23.83
N ARG A 35 18.58 -30.50 24.44
CA ARG A 35 19.75 -30.11 23.69
C ARG A 35 20.67 -31.32 23.47
N LYS A 36 21.80 -31.06 22.82
CA LYS A 36 22.73 -32.12 22.49
C LYS A 36 23.40 -32.70 23.73
N ASN A 37 23.59 -31.87 24.76
CA ASN A 37 24.26 -32.36 25.97
C ASN A 37 23.31 -33.17 26.86
N GLU A 38 22.09 -32.68 27.10
CA GLU A 38 21.30 -33.24 28.17
C GLU A 38 20.63 -34.56 27.79
N LYS A 39 20.09 -35.20 28.83
CA LYS A 39 19.07 -36.22 28.74
C LYS A 39 17.84 -35.69 29.47
N LEU A 40 16.66 -35.99 28.93
CA LEU A 40 15.41 -35.60 29.55
C LEU A 40 14.73 -36.86 30.02
N LYS A 41 14.51 -36.98 31.32
CA LYS A 41 13.77 -38.11 31.87
C LYS A 41 12.34 -37.69 32.11
N LEU A 42 11.40 -38.48 31.59
CA LEU A 42 9.97 -38.30 31.79
C LEU A 42 9.41 -39.53 32.47
N ALA A 43 8.51 -39.33 33.43
CA ALA A 43 7.86 -40.45 34.10
C ALA A 43 6.39 -40.16 34.27
N ALA A 44 5.62 -41.22 34.50
CA ALA A 44 4.18 -41.15 34.72
C ALA A 44 3.63 -42.56 34.87
N GLN A 45 2.65 -42.74 35.77
CA GLN A 45 2.02 -44.05 35.96
C GLN A 45 3.07 -45.12 36.20
N GLY A 46 4.12 -44.78 36.94
CA GLY A 46 5.16 -45.72 37.28
C GLY A 46 6.09 -46.10 36.15
N ALA A 47 5.85 -45.64 34.94
CA ALA A 47 6.80 -45.89 33.86
C ALA A 47 7.73 -44.69 33.69
N GLU A 48 8.85 -44.91 33.02
CA GLU A 48 9.78 -43.82 32.77
C GLU A 48 10.56 -44.08 31.49
N LYS A 49 11.05 -43.00 30.90
CA LYS A 49 11.87 -43.10 29.69
C LYS A 49 12.74 -41.86 29.58
N THR A 50 13.97 -42.06 29.14
CA THR A 50 14.92 -40.98 28.94
C THR A 50 15.07 -40.70 27.46
N TYR A 51 14.92 -39.44 27.09
CA TYR A 51 15.07 -39.00 25.71
C TYR A 51 16.32 -38.14 25.56
N GLY A 52 17.04 -38.33 24.46
CA GLY A 52 18.08 -37.43 24.05
C GLY A 52 17.61 -36.48 22.96
N ASN A 53 18.56 -35.66 22.48
CA ASN A 53 18.24 -34.69 21.45
C ASN A 53 17.88 -35.40 20.15
N GLY A 54 16.79 -34.96 19.52
CA GLY A 54 16.36 -35.53 18.27
C GLY A 54 15.70 -36.89 18.36
N ASP A 55 15.63 -37.49 19.55
CA ASP A 55 14.88 -38.72 19.72
C ASP A 55 13.40 -38.48 19.47
N SER A 56 12.72 -39.55 19.09
CA SER A 56 11.29 -39.47 18.83
C SER A 56 10.51 -39.78 20.08
N LEU A 57 9.56 -38.91 20.40
CA LEU A 57 8.59 -39.12 21.45
C LEU A 57 7.29 -39.61 20.80
N ASN A 58 6.69 -40.63 21.40
CA ASN A 58 5.51 -41.27 20.81
C ASN A 58 4.26 -40.58 21.31
N THR A 59 3.91 -39.47 20.65
CA THR A 59 2.65 -38.80 20.91
C THR A 59 1.45 -39.60 20.40
N GLY A 60 1.68 -40.65 19.62
CA GLY A 60 0.57 -41.43 19.10
C GLY A 60 -0.27 -42.07 20.18
N LYS A 61 0.34 -42.49 21.28
CA LYS A 61 -0.36 -43.21 22.32
C LYS A 61 -1.21 -42.30 23.19
N LEU A 62 -1.42 -41.06 22.77
CA LEU A 62 -2.15 -40.13 23.63
C LEU A 62 -3.42 -39.54 23.06
N LYS A 63 -4.26 -39.04 23.96
CA LYS A 63 -5.52 -38.41 23.57
C LYS A 63 -5.31 -37.13 22.76
N ASN A 64 -6.21 -36.88 21.84
CA ASN A 64 -6.04 -35.64 21.14
C ASN A 64 -6.79 -34.56 21.89
N ASP A 65 -6.42 -33.31 21.60
CA ASP A 65 -7.11 -32.11 22.09
C ASP A 65 -7.10 -31.98 23.62
N LYS A 66 -6.14 -32.61 24.29
CA LYS A 66 -5.98 -32.52 25.74
C LYS A 66 -4.54 -32.17 26.04
N VAL A 67 -4.27 -31.73 27.26
CA VAL A 67 -2.91 -31.59 27.74
C VAL A 67 -2.55 -32.82 28.55
N SER A 68 -1.38 -33.40 28.26
CA SER A 68 -0.90 -34.58 28.96
C SER A 68 0.32 -34.22 29.79
N ARG A 69 0.37 -34.75 31.01
CA ARG A 69 1.29 -34.28 32.03
C ARG A 69 2.24 -35.38 32.44
N PHE A 70 3.53 -35.10 32.35
CA PHE A 70 4.62 -35.95 32.80
C PHE A 70 5.45 -35.13 33.78
N ASP A 71 6.09 -35.81 34.71
CA ASP A 71 7.11 -35.17 35.51
C ASP A 71 8.45 -35.37 34.80
N PHE A 72 9.29 -34.36 34.86
CA PHE A 72 10.49 -34.38 34.05
C PHE A 72 11.69 -34.02 34.90
N ILE A 73 12.84 -34.46 34.42
CA ILE A 73 14.13 -34.18 35.01
C ILE A 73 15.10 -33.99 33.85
N ARG A 74 15.85 -32.88 33.88
CA ARG A 74 16.80 -32.55 32.82
C ARG A 74 18.22 -32.71 33.36
N GLN A 75 18.87 -33.81 32.99
CA GLN A 75 20.12 -34.26 33.62
C GLN A 75 21.34 -33.99 32.74
N ILE A 76 22.53 -34.12 33.36
CA ILE A 76 23.82 -34.16 32.68
C ILE A 76 24.72 -35.12 33.45
N GLU A 77 25.60 -35.81 32.73
CA GLU A 77 26.52 -36.78 33.32
C GLU A 77 27.94 -36.23 33.23
N VAL A 78 28.28 -35.33 34.14
CA VAL A 78 29.62 -34.75 34.22
C VAL A 78 30.53 -35.55 35.15
N GLY A 80 31.18 -38.20 36.65
CA GLY A 80 30.32 -38.87 37.61
C GLY A 80 28.94 -39.18 37.05
N GLN A 81 27.97 -39.37 37.96
CA GLN A 81 26.62 -39.73 37.58
C GLN A 81 25.79 -38.48 37.23
N LEU A 82 24.48 -38.52 37.47
CA LEU A 82 23.58 -37.47 37.05
C LEU A 82 23.90 -36.13 37.72
N ILE A 83 23.48 -35.05 37.08
CA ILE A 83 23.32 -33.74 37.71
C ILE A 83 22.04 -33.17 37.14
N THR A 84 20.99 -33.11 37.95
CA THR A 84 19.69 -32.65 37.48
C THR A 84 19.61 -31.13 37.59
N LEU A 85 19.51 -30.46 36.44
CA LEU A 85 19.39 -28.99 36.44
C LEU A 85 17.99 -28.52 36.76
N GLU A 86 16.97 -29.25 36.33
CA GLU A 86 15.63 -28.72 36.37
C GLU A 86 14.65 -29.86 36.61
N SER A 87 13.54 -29.54 37.28
CA SER A 87 12.50 -30.53 37.51
C SER A 87 11.16 -29.84 37.48
N GLY A 88 10.13 -30.64 37.28
CA GLY A 88 8.79 -30.13 37.23
C GLY A 88 7.96 -31.00 36.31
N GLU A 89 6.97 -30.36 35.71
CA GLU A 89 5.99 -31.05 34.88
C GLU A 89 6.19 -30.72 33.41
N PHE A 90 6.10 -31.76 32.58
CA PHE A 90 6.31 -31.68 31.13
C PHE A 90 4.99 -31.96 30.44
N GLN A 91 4.48 -30.99 29.70
CA GLN A 91 3.13 -31.04 29.13
C GLN A 91 3.20 -31.12 27.60
N VAL A 92 2.46 -32.07 27.04
CA VAL A 92 2.31 -32.22 25.60
C VAL A 92 0.85 -31.93 25.24
N TYR A 93 0.65 -31.11 24.21
CA TYR A 93 -0.68 -30.92 23.64
C TYR A 93 -0.68 -31.51 22.24
N LYS A 94 -1.53 -32.50 22.01
CA LYS A 94 -1.57 -33.26 20.77
C LYS A 94 -2.79 -32.87 19.95
N GLN A 95 -2.57 -32.62 18.68
CA GLN A 95 -3.62 -32.53 17.68
C GLN A 95 -3.34 -33.59 16.61
N SER A 96 -4.14 -33.55 15.54
CA SER A 96 -4.05 -34.60 14.53
C SER A 96 -2.80 -34.44 13.65
N HIS A 97 -2.34 -33.21 13.43
CA HIS A 97 -1.25 -32.97 12.48
C HIS A 97 -0.15 -32.12 13.08
N SER A 98 -0.19 -31.91 14.40
CA SER A 98 0.72 -30.98 15.05
C SER A 98 0.66 -31.25 16.55
N ALA A 99 1.66 -30.75 17.27
CA ALA A 99 1.70 -30.92 18.72
C ALA A 99 2.73 -29.98 19.33
N LEU A 100 2.50 -29.61 20.60
CA LEU A 100 3.41 -28.77 21.36
C LEU A 100 3.91 -29.47 22.62
N THR A 101 5.14 -29.14 23.03
CA THR A 101 5.66 -29.44 24.35
C THR A 101 5.69 -28.17 25.19
N ALA A 102 5.91 -28.35 26.49
CA ALA A 102 6.02 -27.22 27.40
C ALA A 102 6.66 -27.71 28.70
N PHE A 103 7.36 -26.79 29.37
CA PHE A 103 8.05 -27.08 30.63
C PHE A 103 7.51 -26.14 31.70
N GLN A 104 6.95 -26.73 32.75
CA GLN A 104 6.57 -26.00 33.96
C GLN A 104 7.63 -26.34 35.01
N THR A 105 8.70 -25.53 35.03
CA THR A 105 9.76 -25.71 36.00
C THR A 105 9.21 -25.65 37.42
N GLU A 106 9.86 -26.36 38.34
CA GLU A 106 9.48 -26.30 39.74
C GLU A 106 10.72 -26.19 40.63
N GLN A 107 11.84 -26.71 40.13
CA GLN A 107 13.09 -26.69 40.86
C GLN A 107 14.32 -26.53 40.00
N ILE A 108 15.18 -25.62 40.40
CA ILE A 108 16.45 -25.36 39.72
C ILE A 108 17.55 -25.35 40.76
N GLN A 109 18.76 -25.76 40.35
CA GLN A 109 19.86 -25.90 41.30
C GLN A 109 20.49 -24.55 41.65
N ASP A 110 21.40 -24.59 42.62
CA ASP A 110 22.16 -23.42 43.07
C ASP A 110 23.65 -23.77 43.11
N SER A 111 24.45 -22.72 43.33
CA SER A 111 25.88 -22.87 43.58
C SER A 111 26.21 -23.17 45.03
N GLU A 112 25.19 -23.26 45.90
CA GLU A 112 25.38 -23.50 47.33
C GLU A 112 26.07 -24.83 47.62
N LYS A 116 20.48 -28.86 47.90
CA LYS A 116 21.36 -28.54 46.78
C LYS A 116 20.55 -27.95 45.60
N MET A 117 19.27 -27.67 45.85
CA MET A 117 18.31 -27.36 44.80
C MET A 117 17.37 -26.25 45.26
N VAL A 118 17.32 -25.13 44.52
CA VAL A 118 16.42 -24.02 44.81
C VAL A 118 15.00 -24.39 44.41
N ALA A 119 14.07 -23.42 44.45
CA ALA A 119 12.65 -23.66 44.19
C ALA A 119 12.11 -22.48 43.36
N LYS A 120 12.17 -22.62 42.04
CA LYS A 120 11.59 -21.61 41.18
C LYS A 120 10.57 -22.15 40.21
N ARG A 121 9.64 -21.28 39.87
CA ARG A 121 8.58 -21.63 38.97
C ARG A 121 8.70 -20.81 37.70
N GLN A 122 8.93 -21.47 36.59
CA GLN A 122 8.99 -20.82 35.30
C GLN A 122 8.32 -21.71 34.26
N PHE A 123 7.60 -21.09 33.33
CA PHE A 123 6.86 -21.80 32.29
C PHE A 123 7.33 -21.33 30.92
N ARG A 124 7.55 -22.30 30.03
CA ARG A 124 8.07 -21.99 28.70
C ARG A 124 7.61 -23.05 27.71
N ILE A 125 7.59 -22.64 26.44
CA ILE A 125 7.26 -23.51 25.31
C ILE A 125 8.54 -24.20 24.86
N GLY A 126 8.41 -25.43 24.38
CA GLY A 126 9.59 -26.19 24.01
C GLY A 126 9.69 -26.52 22.53
N ASP A 127 8.79 -27.36 22.05
CA ASP A 127 8.79 -27.83 20.67
C ASP A 127 7.39 -27.68 20.08
N ILE A 128 7.33 -27.14 18.87
CA ILE A 128 6.14 -27.20 18.03
C ILE A 128 6.51 -27.99 16.79
N ALA A 129 5.65 -28.94 16.40
CA ALA A 129 6.04 -29.86 15.34
C ALA A 129 4.79 -30.49 14.76
N GLY A 130 4.97 -31.11 13.60
CA GLY A 130 3.86 -31.74 12.90
C GLY A 130 4.11 -31.71 11.42
N GLU A 131 3.03 -31.85 10.66
CA GLU A 131 3.11 -31.81 9.19
C GLU A 131 2.92 -30.36 8.78
N HIS A 132 4.03 -29.63 8.70
CA HIS A 132 3.97 -28.23 8.26
C HIS A 132 3.32 -28.11 6.88
N THR A 133 2.25 -27.34 6.78
CA THR A 133 1.67 -27.04 5.48
C THR A 133 2.67 -26.23 4.69
N SER A 134 2.99 -26.69 3.50
CA SER A 134 3.90 -25.98 2.67
C SER A 134 3.21 -24.75 2.14
N PHE A 135 3.91 -23.64 2.09
CA PHE A 135 3.26 -22.39 1.69
C PHE A 135 2.62 -22.50 0.31
N ASP A 136 3.25 -23.22 -0.62
CA ASP A 136 2.76 -23.26 -1.99
C ASP A 136 1.68 -24.32 -2.21
N LYS A 137 1.17 -24.92 -1.15
CA LYS A 137 0.06 -25.86 -1.28
C LYS A 137 -1.04 -25.51 -0.30
N LEU A 138 -1.11 -24.23 0.11
CA LEU A 138 -2.23 -23.78 0.89
C LEU A 138 -3.49 -23.87 0.04
N PRO A 139 -4.66 -23.89 0.66
CA PRO A 139 -5.89 -23.70 -0.12
C PRO A 139 -5.81 -22.37 -0.84
N GLU A 140 -6.31 -22.34 -2.08
CA GLU A 140 -6.18 -21.14 -2.90
C GLU A 140 -7.07 -20.02 -2.36
N GLY A 141 -8.32 -20.34 -2.06
CA GLY A 141 -9.27 -19.34 -1.59
C GLY A 141 -9.95 -19.79 -0.32
N GLY A 142 -11.15 -19.27 -0.07
CA GLY A 142 -11.92 -19.62 1.11
C GLY A 142 -11.36 -19.01 2.38
N ARG A 143 -12.12 -19.22 3.45
CA ARG A 143 -11.77 -18.72 4.78
C ARG A 143 -12.05 -19.84 5.77
N ALA A 144 -11.09 -20.10 6.64
CA ALA A 144 -11.22 -21.17 7.63
C ALA A 144 -11.27 -20.60 9.04
N THR A 145 -12.07 -21.23 9.90
CA THR A 145 -12.17 -20.88 11.31
C THR A 145 -11.61 -22.04 12.13
N TYR A 146 -10.64 -21.74 12.98
CA TYR A 146 -9.96 -22.71 13.82
C TYR A 146 -10.32 -22.47 15.28
N ARG A 147 -10.41 -23.56 16.03
CA ARG A 147 -10.71 -23.53 17.43
C ARG A 147 -9.94 -24.55 18.23
N GLY A 148 -9.38 -24.10 19.32
CA GLY A 148 -8.60 -24.96 20.14
C GLY A 148 -8.35 -24.39 21.50
N THR A 149 -7.17 -24.62 21.99
CA THR A 149 -6.83 -24.19 23.29
C THR A 149 -5.69 -23.23 23.33
N ALA A 150 -5.67 -22.46 24.39
CA ALA A 150 -4.60 -21.55 24.74
C ALA A 150 -4.27 -21.98 26.16
N PHE A 151 -3.04 -22.33 26.44
CA PHE A 151 -2.71 -22.83 27.75
C PHE A 151 -1.39 -22.23 28.22
N GLY A 152 -1.32 -21.96 29.53
CA GLY A 152 -0.11 -21.44 30.13
C GLY A 152 0.26 -22.10 31.45
N SER A 153 1.05 -21.42 32.25
CA SER A 153 1.32 -21.90 33.60
C SER A 153 -0.01 -22.04 34.35
N ASP A 154 -0.27 -23.24 34.85
CA ASP A 154 -1.39 -23.53 35.74
C ASP A 154 -2.73 -23.22 35.12
N ASP A 155 -2.80 -23.21 33.79
CA ASP A 155 -4.06 -22.90 33.12
C ASP A 155 -4.05 -23.56 31.75
N ALA A 156 -4.92 -24.55 31.56
CA ALA A 156 -5.20 -25.11 30.25
C ALA A 156 -6.66 -24.92 29.86
N GLY A 157 -7.32 -23.92 30.42
CA GLY A 157 -8.70 -23.64 30.11
C GLY A 157 -8.92 -22.54 29.09
N GLY A 158 -7.85 -21.94 28.58
CA GLY A 158 -8.00 -20.90 27.58
C GLY A 158 -8.63 -21.40 26.30
N LYS A 159 -9.37 -20.52 25.65
CA LYS A 159 -10.01 -20.77 24.38
C LYS A 159 -9.36 -19.93 23.28
N LEU A 160 -8.95 -20.58 22.20
CA LEU A 160 -8.27 -19.96 21.07
C LEU A 160 -9.15 -20.04 19.84
N THR A 161 -9.50 -18.89 19.28
CA THR A 161 -10.23 -18.75 18.03
C THR A 161 -9.30 -18.10 17.00
N TYR A 162 -9.34 -18.55 15.76
CA TYR A 162 -8.52 -17.93 14.73
C TYR A 162 -9.15 -18.13 13.35
N THR A 163 -8.96 -17.12 12.48
CA THR A 163 -9.53 -17.10 11.13
C THR A 163 -8.44 -16.74 10.13
N ILE A 164 -8.38 -17.48 9.02
CA ILE A 164 -7.37 -17.29 7.99
C ILE A 164 -8.07 -17.15 6.65
N ASP A 165 -7.88 -16.01 5.98
CA ASP A 165 -8.37 -15.85 4.61
C ASP A 165 -7.21 -16.09 3.65
N PHE A 166 -7.29 -17.19 2.90
CA PHE A 166 -6.10 -17.68 2.18
C PHE A 166 -5.77 -16.83 0.96
N ALA A 167 -6.78 -16.35 0.24
CA ALA A 167 -6.50 -15.54 -0.95
C ALA A 167 -6.02 -14.13 -0.55
N ALA A 168 -6.48 -13.63 0.59
CA ALA A 168 -5.95 -12.43 1.19
C ALA A 168 -4.63 -12.67 1.89
N LYS A 169 -4.34 -13.92 2.29
CA LYS A 169 -3.11 -14.25 3.01
C LYS A 169 -3.07 -13.47 4.33
N GLN A 170 -4.09 -13.69 5.16
CA GLN A 170 -4.25 -12.94 6.39
C GLN A 170 -4.86 -13.85 7.46
N GLY A 171 -4.35 -13.73 8.69
CA GLY A 171 -4.96 -14.39 9.82
C GLY A 171 -5.14 -13.44 10.98
N ASN A 172 -6.10 -13.79 11.86
CA ASN A 172 -6.39 -12.97 13.04
C ASN A 172 -7.26 -13.79 14.00
N GLY A 173 -7.15 -13.50 15.29
CA GLY A 173 -8.04 -14.13 16.25
C GLY A 173 -7.85 -13.66 17.68
N LYS A 174 -8.26 -14.50 18.62
CA LYS A 174 -8.36 -14.06 20.01
C LYS A 174 -8.19 -15.23 20.98
N ILE A 175 -7.65 -14.90 22.16
CA ILE A 175 -7.54 -15.80 23.30
C ILE A 175 -8.57 -15.36 24.33
N GLU A 176 -9.34 -16.32 24.85
CA GLU A 176 -10.41 -15.99 25.79
C GLU A 176 -10.36 -16.94 26.99
N HIS A 177 -10.99 -16.49 28.08
CA HIS A 177 -11.39 -17.35 29.20
C HIS A 177 -10.20 -17.90 29.98
N LEU A 178 -9.07 -17.21 29.96
CA LEU A 178 -7.94 -17.61 30.78
C LEU A 178 -8.11 -17.05 32.19
N LYS A 179 -7.44 -17.67 33.15
CA LYS A 179 -7.66 -17.26 34.54
C LYS A 179 -7.15 -15.85 34.79
N SER A 180 -5.98 -15.45 34.15
CA SER A 180 -5.67 -14.06 34.43
C SER A 180 -6.09 -13.17 33.27
N PRO A 181 -6.64 -11.99 33.56
CA PRO A 181 -7.27 -11.21 32.49
C PRO A 181 -6.28 -10.71 31.46
N GLU A 182 -5.06 -10.42 31.90
CA GLU A 182 -4.00 -9.88 31.05
C GLU A 182 -3.53 -10.77 29.91
N LEU A 183 -4.18 -11.89 29.65
CA LEU A 183 -3.80 -12.71 28.54
C LEU A 183 -4.94 -13.06 27.62
N ASN A 184 -6.20 -12.76 28.00
CA ASN A 184 -7.33 -12.85 27.08
C ASN A 184 -7.16 -11.75 26.01
N VAL A 185 -6.40 -12.09 24.98
CA VAL A 185 -5.86 -11.08 24.08
C VAL A 185 -6.34 -11.33 22.65
N ASP A 186 -6.41 -10.25 21.88
CA ASP A 186 -6.55 -10.34 20.43
C ASP A 186 -5.23 -10.72 19.77
N LEU A 187 -5.33 -11.64 18.80
CA LEU A 187 -4.19 -12.01 17.96
C LEU A 187 -4.35 -11.25 16.66
N ALA A 188 -3.53 -10.21 16.47
CA ALA A 188 -3.85 -9.20 15.47
C ALA A 188 -3.59 -9.72 14.05
N ALA A 189 -4.36 -9.19 13.11
CA ALA A 189 -4.17 -9.37 11.68
C ALA A 189 -2.70 -9.42 11.31
N ALA A 190 -2.28 -10.52 10.69
CA ALA A 190 -0.91 -10.71 10.25
C ALA A 190 -0.92 -11.48 8.93
N ASP A 191 0.11 -11.29 8.13
CA ASP A 191 0.08 -12.00 6.86
C ASP A 191 0.72 -13.39 6.99
N ILE A 192 0.43 -14.22 6.00
CA ILE A 192 1.01 -15.56 5.89
C ILE A 192 2.25 -15.47 5.03
N LYS A 193 3.38 -15.96 5.53
CA LYS A 193 4.63 -15.86 4.80
C LYS A 193 5.30 -17.23 4.73
N PRO A 194 6.11 -17.46 3.70
CA PRO A 194 6.90 -18.69 3.64
C PRO A 194 8.07 -18.70 4.62
N ASP A 195 8.37 -19.90 5.09
CA ASP A 195 9.42 -20.28 6.01
C ASP A 195 10.75 -20.38 5.29
N GLY A 196 11.83 -20.58 6.05
CA GLY A 196 13.09 -20.97 5.44
C GLY A 196 13.02 -22.34 4.77
N LYS A 197 12.15 -23.22 5.28
CA LYS A 197 11.82 -24.47 4.62
C LYS A 197 10.50 -24.39 3.83
N ARG A 198 10.09 -23.18 3.46
CA ARG A 198 8.90 -22.93 2.64
C ARG A 198 7.61 -23.41 3.32
N HIS A 199 7.63 -23.59 4.64
CA HIS A 199 6.39 -23.78 5.40
C HIS A 199 5.64 -22.45 5.57
N ALA A 200 4.33 -22.55 5.73
CA ALA A 200 3.48 -21.37 5.85
C ALA A 200 3.42 -20.93 7.32
N VAL A 201 3.85 -19.69 7.60
CA VAL A 201 3.85 -19.19 8.98
C VAL A 201 3.23 -17.80 9.04
N ILE A 202 2.58 -17.54 10.18
CA ILE A 202 2.02 -16.25 10.53
C ILE A 202 2.72 -15.75 11.79
N SER A 203 3.10 -14.49 11.80
CA SER A 203 3.67 -13.94 13.03
C SER A 203 3.33 -12.46 13.15
N GLY A 204 2.57 -12.14 14.18
CA GLY A 204 2.13 -10.79 14.40
C GLY A 204 2.10 -10.29 15.81
N SER A 205 1.34 -9.23 16.01
CA SER A 205 1.27 -8.59 17.27
C SER A 205 0.13 -9.03 18.15
N VAL A 206 0.38 -8.97 19.44
CA VAL A 206 -0.61 -9.30 20.41
C VAL A 206 -1.20 -7.99 20.84
N LEU A 207 -2.50 -7.95 20.97
CA LEU A 207 -3.12 -6.72 21.31
C LEU A 207 -4.01 -6.82 22.50
N TYR A 208 -3.91 -5.94 23.48
CA TYR A 208 -4.85 -5.99 24.61
C TYR A 208 -5.60 -4.70 24.83
N ASN A 209 -6.91 -4.72 24.62
CA ASN A 209 -7.74 -3.52 24.52
C ASN A 209 -7.06 -2.48 23.68
N GLN A 210 -6.93 -2.79 22.40
CA GLN A 210 -6.35 -1.87 21.41
C GLN A 210 -4.89 -1.47 21.58
N ALA A 211 -4.18 -2.06 22.54
CA ALA A 211 -2.78 -1.67 22.71
C ALA A 211 -1.80 -2.79 22.43
N GLU A 212 -0.63 -2.49 21.91
CA GLU A 212 0.31 -3.57 21.58
C GLU A 212 1.00 -4.08 22.83
N LYS A 213 1.12 -5.40 22.93
CA LYS A 213 1.62 -6.02 24.16
C LYS A 213 2.40 -7.31 23.84
N GLY A 214 3.20 -7.31 22.79
CA GLY A 214 4.14 -8.38 22.52
C GLY A 214 3.94 -8.98 21.12
N SER A 215 4.05 -10.30 21.04
CA SER A 215 4.01 -10.98 19.75
C SER A 215 3.37 -12.37 19.86
N TYR A 216 3.05 -12.93 18.70
CA TYR A 216 2.60 -14.31 18.59
C TYR A 216 3.08 -14.88 17.26
N SER A 217 3.17 -16.21 17.19
CA SER A 217 3.64 -16.94 16.04
C SER A 217 2.76 -18.16 15.81
N LEU A 218 2.51 -18.49 14.55
CA LEU A 218 1.68 -19.64 14.25
C LEU A 218 2.17 -20.31 12.98
N GLY A 219 2.44 -21.61 13.07
CA GLY A 219 2.59 -22.44 11.90
C GLY A 219 1.24 -23.04 11.50
N ILE A 220 1.08 -23.29 10.21
CA ILE A 220 -0.11 -23.92 9.67
C ILE A 220 0.23 -25.38 9.38
N PHE A 221 -0.62 -26.29 9.84
CA PHE A 221 -0.31 -27.71 9.79
C PHE A 221 -1.38 -28.48 9.06
N GLY A 222 -0.97 -29.59 8.46
CA GLY A 222 -1.88 -30.51 7.80
C GLY A 222 -1.92 -30.30 6.29
N GLY A 223 -2.32 -31.38 5.60
CA GLY A 223 -2.35 -31.34 4.16
C GLY A 223 -3.34 -30.34 3.61
N LYS A 224 -4.49 -30.16 4.27
CA LYS A 224 -5.47 -29.15 3.88
C LYS A 224 -5.55 -28.01 4.90
N ALA A 225 -4.43 -27.72 5.56
CA ALA A 225 -4.34 -26.62 6.53
C ALA A 225 -5.39 -26.76 7.63
N GLN A 226 -5.50 -27.97 8.19
CA GLN A 226 -6.52 -28.24 9.19
C GLN A 226 -6.23 -27.56 10.52
N GLU A 227 -4.96 -27.33 10.83
CA GLU A 227 -4.56 -26.91 12.17
C GLU A 227 -3.60 -25.73 12.09
N VAL A 228 -3.57 -24.96 13.17
CA VAL A 228 -2.49 -24.03 13.47
C VAL A 228 -1.91 -24.39 14.84
N ALA A 229 -0.66 -24.01 15.04
CA ALA A 229 0.05 -24.31 16.27
C ALA A 229 1.22 -23.35 16.39
N GLY A 230 1.42 -22.85 17.59
CA GLY A 230 2.52 -21.93 17.85
C GLY A 230 2.38 -21.34 19.24
N SER A 231 2.93 -20.15 19.43
CA SER A 231 3.05 -19.58 20.76
C SER A 231 2.82 -18.07 20.71
N ALA A 232 2.52 -17.51 21.88
CA ALA A 232 2.29 -16.10 22.07
C ALA A 232 3.05 -15.62 23.30
N GLU A 233 3.76 -14.50 23.16
CA GLU A 233 4.41 -13.83 24.29
C GLU A 233 3.62 -12.57 24.61
N VAL A 234 3.13 -12.48 25.84
CA VAL A 234 2.24 -11.40 26.25
C VAL A 234 2.87 -10.67 27.44
N LYS A 235 2.85 -9.33 27.41
CA LYS A 235 3.35 -8.49 28.49
C LYS A 235 2.26 -8.26 29.53
N THR A 236 2.59 -8.48 30.80
CA THR A 236 1.63 -8.28 31.89
C THR A 236 2.22 -7.35 32.94
N VAL A 237 1.37 -6.86 33.85
CA VAL A 237 1.80 -5.97 34.93
C VAL A 237 2.95 -6.60 35.69
N ASN A 238 3.20 -7.88 35.43
CA ASN A 238 4.28 -8.63 36.06
C ASN A 238 5.21 -9.30 35.05
N GLY A 239 5.24 -8.82 33.80
CA GLY A 239 6.24 -9.23 32.83
C GLY A 239 5.71 -10.18 31.77
N ILE A 240 6.66 -10.81 31.10
CA ILE A 240 6.39 -11.69 29.97
C ILE A 240 5.83 -12.99 30.47
N ARG A 241 4.89 -13.55 29.72
CA ARG A 241 4.25 -14.81 30.00
C ARG A 241 4.03 -15.52 28.66
N HIS A 242 4.42 -16.77 28.62
CA HIS A 242 4.28 -17.55 27.44
C HIS A 242 3.02 -18.36 27.40
N ILE A 243 2.35 -18.31 26.26
CA ILE A 243 1.13 -19.06 26.00
C ILE A 243 1.39 -20.07 24.90
N GLY A 244 0.78 -21.24 25.04
CA GLY A 244 0.78 -22.25 24.00
C GLY A 244 -0.54 -22.22 23.26
N LEU A 245 -0.47 -22.40 21.93
CA LEU A 245 -1.58 -22.20 21.02
C LEU A 245 -1.70 -23.40 20.08
N ALA A 246 -2.90 -23.99 20.03
CA ALA A 246 -3.22 -25.05 19.08
C ALA A 246 -4.70 -25.02 18.78
N ALA A 247 -5.06 -24.91 17.50
CA ALA A 247 -6.46 -24.92 17.08
C ALA A 247 -6.60 -25.73 15.81
N LYS A 248 -7.84 -26.06 15.48
CA LYS A 248 -8.16 -26.82 14.31
C LYS A 248 -9.45 -26.36 13.68
N GLN A 249 -9.77 -26.95 12.53
CA GLN A 249 -10.95 -26.56 11.77
C GLN A 249 -12.22 -27.35 12.09
N GLU A 250 -13.33 -26.82 11.60
CA GLU A 250 -14.63 -27.40 11.77
C GLU A 250 -14.83 -28.56 10.81
N GLU B 1 -22.94 -2.82 -2.93
CA GLU B 1 -23.96 -2.45 -1.94
C GLU B 1 -23.34 -1.65 -0.81
N ILE B 2 -22.01 -1.56 -0.80
CA ILE B 2 -21.28 -0.95 0.31
C ILE B 2 -20.46 0.23 -0.22
N VAL B 3 -20.66 1.40 0.37
CA VAL B 3 -19.93 2.59 0.00
C VAL B 3 -19.03 2.98 1.17
N MET B 4 -17.82 3.38 0.85
CA MET B 4 -16.88 3.89 1.83
C MET B 4 -16.73 5.38 1.57
N THR B 5 -16.99 6.19 2.59
CA THR B 5 -16.90 7.64 2.44
C THR B 5 -15.79 8.15 3.34
N GLN B 6 -14.81 8.80 2.73
CA GLN B 6 -13.71 9.41 3.43
C GLN B 6 -13.96 10.92 3.59
N SER B 7 -13.56 11.43 4.75
CA SER B 7 -13.59 12.86 5.01
C SER B 7 -12.34 13.19 5.80
N PRO B 8 -11.81 14.43 5.64
CA PRO B 8 -12.28 15.44 4.68
C PRO B 8 -11.70 15.19 3.30
N GLY B 9 -12.23 15.78 2.23
CA GLY B 9 -11.67 15.52 0.92
C GLY B 9 -10.25 16.01 0.77
N THR B 10 -9.94 17.16 1.36
CA THR B 10 -8.62 17.76 1.30
C THR B 10 -8.28 18.30 2.67
N LEU B 11 -7.02 18.70 2.84
CA LEU B 11 -6.54 19.00 4.18
C LEU B 11 -5.13 19.57 4.07
N SER B 12 -4.85 20.61 4.86
CA SER B 12 -3.53 21.22 4.93
C SER B 12 -3.02 21.17 6.36
N LEU B 13 -1.75 20.81 6.52
CA LEU B 13 -1.10 20.89 7.82
C LEU B 13 0.38 21.09 7.62
N SER B 14 1.03 21.64 8.66
CA SER B 14 2.47 21.83 8.67
C SER B 14 3.18 20.53 9.04
N PRO B 15 4.44 20.38 8.66
CA PRO B 15 5.20 19.22 9.16
C PRO B 15 5.26 19.27 10.68
N GLY B 16 5.27 18.10 11.31
CA GLY B 16 5.21 18.03 12.75
C GLY B 16 3.82 18.03 13.35
N GLU B 17 2.80 18.44 12.60
CA GLU B 17 1.43 18.34 13.07
C GLU B 17 0.93 16.90 12.97
N THR B 18 -0.34 16.69 13.33
CA THR B 18 -0.93 15.36 13.35
C THR B 18 -2.18 15.37 12.51
N ALA B 19 -2.28 14.40 11.59
CA ALA B 19 -3.39 14.30 10.65
C ALA B 19 -4.40 13.29 11.16
N THR B 20 -5.67 13.54 10.87
CA THR B 20 -6.74 12.68 11.38
C THR B 20 -7.76 12.47 10.27
N LEU B 21 -7.71 11.31 9.64
CA LEU B 21 -8.47 10.98 8.44
C LEU B 21 -9.58 10.00 8.79
N SER B 22 -10.74 10.20 8.21
CA SER B 22 -11.92 9.41 8.56
C SER B 22 -12.33 8.52 7.40
N CYS B 23 -12.69 7.29 7.75
CA CYS B 23 -13.18 6.28 6.81
C CYS B 23 -14.48 5.77 7.40
N ARG B 24 -15.60 6.08 6.76
CA ARG B 24 -16.90 5.70 7.25
C ARG B 24 -17.58 4.75 6.29
N ALA B 25 -17.97 3.59 6.78
CA ALA B 25 -18.63 2.60 5.97
C ALA B 25 -20.15 2.70 6.12
N SER B 26 -20.87 2.49 5.02
CA SER B 26 -22.32 2.69 5.07
C SER B 26 -23.01 1.64 5.91
N GLN B 27 -22.42 0.46 6.07
CA GLN B 27 -22.92 -0.54 6.99
C GLN B 27 -21.79 -0.89 7.96
N MET B 28 -22.16 -1.51 9.07
CA MET B 28 -21.14 -2.06 9.94
C MET B 28 -20.32 -3.09 9.16
N ILE B 29 -19.06 -3.29 9.56
CA ILE B 29 -18.13 -4.14 8.82
C ILE B 29 -17.12 -4.76 9.78
N SER B 30 -16.41 -5.77 9.28
CA SER B 30 -15.39 -6.48 10.05
C SER B 30 -14.07 -5.76 9.92
N SER B 31 -13.49 -5.37 11.03
CA SER B 31 -12.26 -4.59 11.04
C SER B 31 -11.04 -5.37 10.53
N PRO B 32 -10.97 -6.70 10.67
CA PRO B 32 -9.81 -7.42 10.11
C PRO B 32 -9.66 -7.27 8.61
N PHE B 33 -10.65 -6.71 7.90
CA PHE B 33 -10.59 -6.56 6.46
C PHE B 33 -10.70 -5.09 6.05
N LEU B 34 -10.10 -4.20 6.84
CA LEU B 34 -10.03 -2.78 6.52
C LEU B 34 -8.58 -2.41 6.19
N ALA B 35 -8.39 -1.72 5.07
CA ALA B 35 -7.05 -1.37 4.63
C ALA B 35 -6.93 0.13 4.38
N TRP B 36 -5.73 0.67 4.59
CA TRP B 36 -5.40 2.03 4.18
C TRP B 36 -4.22 1.97 3.21
N TYR B 37 -4.32 2.73 2.13
CA TYR B 37 -3.25 2.83 1.15
C TYR B 37 -2.81 4.28 1.00
N GLN B 38 -1.55 4.46 0.68
CA GLN B 38 -0.97 5.77 0.47
C GLN B 38 -0.57 5.89 -0.99
N GLN B 39 -0.95 6.99 -1.63
CA GLN B 39 -0.58 7.22 -3.03
C GLN B 39 0.11 8.57 -3.16
N ARG B 40 1.40 8.54 -3.43
CA ARG B 40 2.09 9.79 -3.63
C ARG B 40 2.07 10.19 -5.09
N ARG B 41 2.28 11.49 -5.30
CA ARG B 41 2.25 12.15 -6.61
C ARG B 41 2.89 11.30 -7.68
N GLY B 42 2.07 10.80 -8.60
CA GLY B 42 2.60 10.11 -9.77
C GLY B 42 3.16 8.74 -9.50
N GLN B 43 2.75 8.07 -8.43
CA GLN B 43 3.27 6.76 -8.10
C GLN B 43 2.12 5.77 -7.91
N ALA B 44 2.51 4.51 -7.84
CA ALA B 44 1.56 3.47 -7.54
C ALA B 44 1.10 3.57 -6.09
N PRO B 45 -0.15 3.24 -5.82
CA PRO B 45 -0.58 3.04 -4.43
C PRO B 45 0.33 2.11 -3.65
N ARG B 46 0.32 2.27 -2.33
CA ARG B 46 1.17 1.49 -1.45
C ARG B 46 0.32 1.06 -0.25
N LEU B 47 0.36 -0.23 0.07
CA LEU B 47 -0.33 -0.70 1.27
C LEU B 47 0.32 -0.10 2.50
N LEU B 48 -0.47 0.57 3.32
CA LEU B 48 0.04 1.21 4.52
C LEU B 48 -0.39 0.49 5.78
N ILE B 49 -1.66 0.10 5.86
CA ILE B 49 -2.27 -0.53 7.02
C ILE B 49 -3.24 -1.59 6.52
N TYR B 50 -3.24 -2.76 7.16
CA TYR B 50 -4.33 -3.68 6.96
C TYR B 50 -4.85 -4.17 8.31
N GLY B 51 -6.02 -4.82 8.27
CA GLY B 51 -6.72 -5.19 9.49
C GLY B 51 -7.03 -4.00 10.37
N ALA B 52 -7.30 -2.85 9.76
CA ALA B 52 -7.64 -1.60 10.43
C ALA B 52 -6.54 -1.03 11.32
N SER B 53 -5.72 -1.89 11.94
CA SER B 53 -4.67 -1.45 12.87
C SER B 53 -3.30 -2.07 12.69
N THR B 54 -3.11 -3.06 11.82
CA THR B 54 -1.79 -3.61 11.59
C THR B 54 -1.05 -2.77 10.55
N ARG B 55 0.20 -2.43 10.84
CA ARG B 55 1.03 -1.73 9.87
C ARG B 55 1.62 -2.72 8.88
N ALA B 56 1.58 -2.36 7.60
CA ALA B 56 2.37 -3.10 6.63
C ALA B 56 3.85 -3.00 6.98
N THR B 57 4.66 -3.82 6.30
CA THR B 57 5.99 -4.15 6.81
C THR B 57 6.91 -2.92 6.88
N ASP B 58 6.70 -1.91 6.03
CA ASP B 58 7.55 -0.72 6.00
C ASP B 58 6.78 0.57 6.29
N THR B 59 5.63 0.47 6.95
CA THR B 59 4.94 1.63 7.47
C THR B 59 5.57 2.05 8.79
N PRO B 60 6.03 3.30 8.93
CA PRO B 60 6.67 3.71 10.18
C PRO B 60 5.67 3.94 11.30
N ASP B 61 6.19 3.92 12.53
CA ASP B 61 5.39 3.97 13.74
C ASP B 61 4.39 5.14 13.77
N ARG B 62 4.70 6.25 13.11
CA ARG B 62 3.84 7.42 13.29
C ARG B 62 2.47 7.29 12.62
N PHE B 63 2.24 6.23 11.82
CA PHE B 63 0.92 5.96 11.28
C PHE B 63 0.20 5.02 12.24
N ARG B 64 -1.06 5.31 12.55
CA ARG B 64 -1.85 4.41 13.40
C ARG B 64 -3.27 4.34 12.85
N GLY B 65 -3.75 3.13 12.57
CA GLY B 65 -5.12 2.90 12.16
C GLY B 65 -5.93 2.40 13.35
N SER B 66 -7.22 2.68 13.35
CA SER B 66 -8.04 2.39 14.51
C SER B 66 -9.50 2.46 14.11
N GLY B 67 -10.38 2.14 15.05
CA GLY B 67 -11.80 2.27 14.86
C GLY B 67 -12.48 0.92 14.73
N SER B 68 -13.81 0.97 14.60
CA SER B 68 -14.63 -0.23 14.59
C SER B 68 -16.01 0.12 14.04
N GLY B 69 -16.77 -0.93 13.76
CA GLY B 69 -18.16 -0.76 13.40
C GLY B 69 -18.28 -0.09 12.06
N THR B 70 -18.38 1.25 12.07
CA THR B 70 -18.48 2.04 10.85
C THR B 70 -17.41 3.12 10.71
N ASP B 71 -16.59 3.38 11.73
CA ASP B 71 -15.55 4.40 11.63
C ASP B 71 -14.17 3.87 11.86
N PHE B 72 -13.28 4.33 11.01
CA PHE B 72 -11.88 4.03 11.12
C PHE B 72 -11.13 5.31 10.87
N ILE B 73 -10.02 5.45 11.58
CA ILE B 73 -9.24 6.67 11.60
C ILE B 73 -7.82 6.28 11.20
N LEU B 74 -7.22 7.07 10.33
CA LEU B 74 -5.78 7.06 10.18
C LEU B 74 -5.27 8.30 10.87
N THR B 75 -4.46 8.11 11.89
CA THR B 75 -3.81 9.20 12.61
C THR B 75 -2.36 9.19 12.20
N ILE B 76 -1.94 10.25 11.52
CA ILE B 76 -0.55 10.41 11.12
C ILE B 76 0.04 11.46 12.04
N SER B 77 0.83 11.03 13.02
CA SER B 77 1.48 11.93 13.94
C SER B 77 2.78 12.42 13.34
N ARG B 78 3.17 13.64 13.71
CA ARG B 78 4.51 14.16 13.41
C ARG B 78 4.80 14.09 11.91
N LEU B 79 3.94 14.75 11.13
CA LEU B 79 4.00 14.69 9.68
C LEU B 79 5.39 15.04 9.16
N GLU B 80 6.00 14.11 8.38
CA GLU B 80 7.20 14.31 7.58
C GLU B 80 6.82 14.63 6.13
N PRO B 81 7.67 15.33 5.39
CA PRO B 81 7.27 15.77 4.04
C PRO B 81 6.90 14.61 3.13
N GLU B 82 7.50 13.43 3.31
CA GLU B 82 7.11 12.31 2.45
C GLU B 82 5.69 11.82 2.72
N ASP B 83 5.07 12.25 3.82
CA ASP B 83 3.71 11.83 4.16
C ASP B 83 2.62 12.65 3.49
N PHE B 84 2.94 13.76 2.85
CA PHE B 84 1.90 14.49 2.16
C PHE B 84 1.64 13.81 0.82
N ALA B 85 0.42 13.32 0.63
CA ALA B 85 0.05 12.37 -0.42
C ALA B 85 -1.47 12.21 -0.35
N VAL B 86 -2.01 11.26 -1.13
CA VAL B 86 -3.41 10.87 -1.07
C VAL B 86 -3.53 9.57 -0.28
N TYR B 87 -4.59 9.45 0.52
CA TYR B 87 -4.79 8.26 1.35
C TYR B 87 -6.17 7.70 1.07
N TYR B 88 -6.24 6.39 0.84
CA TYR B 88 -7.49 5.71 0.54
C TYR B 88 -7.70 4.60 1.54
N CYS B 89 -8.93 4.46 1.99
CA CYS B 89 -9.30 3.28 2.74
C CYS B 89 -10.00 2.30 1.81
N GLN B 90 -10.21 1.08 2.30
CA GLN B 90 -10.76 0.01 1.48
C GLN B 90 -11.25 -1.11 2.38
N TYR B 91 -12.39 -1.68 2.01
CA TYR B 91 -12.94 -2.86 2.66
C TYR B 91 -12.73 -4.02 1.71
N TYR B 92 -11.82 -4.92 2.05
CA TYR B 92 -11.46 -6.02 1.15
C TYR B 92 -12.05 -7.35 1.59
N ASP B 93 -13.13 -7.34 2.37
CA ASP B 93 -13.76 -8.56 2.85
C ASP B 93 -14.27 -9.45 1.74
N ASP B 94 -14.61 -8.87 0.58
CA ASP B 94 -15.13 -9.58 -0.59
C ASP B 94 -15.19 -8.59 -1.73
N SER B 95 -15.53 -9.09 -2.92
CA SER B 95 -15.58 -8.22 -4.10
C SER B 95 -16.76 -7.26 -3.96
N PRO B 96 -16.65 -6.05 -4.56
CA PRO B 96 -15.54 -5.58 -5.39
C PRO B 96 -14.42 -4.89 -4.63
N PHE B 97 -14.25 -5.21 -3.35
CA PHE B 97 -13.15 -4.68 -2.55
C PHE B 97 -13.14 -3.16 -2.55
N THR B 98 -14.28 -2.56 -2.23
CA THR B 98 -14.51 -1.15 -2.51
C THR B 98 -13.44 -0.29 -1.86
N PHE B 99 -12.94 0.67 -2.61
CA PHE B 99 -12.09 1.77 -2.12
C PHE B 99 -12.93 2.99 -1.81
N GLY B 100 -12.42 3.81 -0.91
CA GLY B 100 -12.98 5.12 -0.71
C GLY B 100 -12.48 6.07 -1.76
N GLN B 101 -13.09 7.25 -1.78
CA GLN B 101 -12.76 8.24 -2.81
C GLN B 101 -11.45 8.97 -2.51
N GLY B 102 -10.90 8.74 -1.31
CA GLY B 102 -9.63 9.34 -0.93
C GLY B 102 -9.67 10.69 -0.24
N THR B 103 -8.54 11.01 0.40
CA THR B 103 -8.34 12.25 1.12
C THR B 103 -6.98 12.77 0.75
N LYS B 104 -6.90 14.00 0.29
CA LYS B 104 -5.61 14.54 -0.10
C LYS B 104 -5.02 15.37 1.03
N LEU B 105 -3.79 15.03 1.41
CA LEU B 105 -3.07 15.72 2.45
C LEU B 105 -2.01 16.59 1.79
N GLU B 106 -2.13 17.91 1.97
CA GLU B 106 -1.22 18.89 1.39
C GLU B 106 -0.53 19.66 2.52
N ILE B 107 0.50 20.42 2.13
CA ILE B 107 1.35 21.13 3.07
C ILE B 107 0.76 22.50 3.34
N LYS B 108 0.76 22.88 4.60
CA LYS B 108 0.31 24.17 5.03
C LYS B 108 1.54 25.03 5.23
N ARG B 109 1.50 26.24 4.74
CA ARG B 109 2.60 27.18 4.87
C ARG B 109 2.11 28.60 5.02
N THR B 110 3.02 29.55 5.04
CA THR B 110 2.64 30.94 5.17
C THR B 110 2.20 31.50 3.86
N VAL B 111 1.35 32.51 3.90
CA VAL B 111 0.89 33.16 2.70
C VAL B 111 2.07 33.71 1.90
N ALA B 112 2.03 33.51 0.59
CA ALA B 112 2.98 34.13 -0.32
C ALA B 112 2.19 34.72 -1.49
N ALA B 113 2.42 36.01 -1.75
CA ALA B 113 1.79 36.66 -2.89
C ALA B 113 2.38 36.17 -4.20
N PRO B 114 1.57 36.08 -5.25
CA PRO B 114 2.11 35.64 -6.55
C PRO B 114 2.85 36.74 -7.28
N SER B 115 3.82 36.32 -8.09
CA SER B 115 4.36 37.14 -9.16
C SER B 115 3.48 36.94 -10.38
N VAL B 116 3.06 38.03 -11.01
CA VAL B 116 2.15 37.97 -12.14
C VAL B 116 2.89 38.42 -13.39
N PHE B 117 2.77 37.64 -14.47
CA PHE B 117 3.26 38.05 -15.77
C PHE B 117 2.18 37.78 -16.80
N ILE B 118 2.14 38.64 -17.82
CA ILE B 118 1.22 38.47 -18.94
C ILE B 118 2.05 38.28 -20.20
N PHE B 119 1.58 37.42 -21.10
CA PHE B 119 2.27 37.11 -22.34
C PHE B 119 1.33 37.31 -23.52
N PRO B 120 1.68 38.17 -24.48
CA PRO B 120 0.88 38.31 -25.71
C PRO B 120 1.04 37.12 -26.63
N PRO B 121 0.08 36.88 -27.51
CA PRO B 121 0.27 35.84 -28.54
C PRO B 121 1.51 36.12 -29.36
N SER B 122 2.17 35.04 -29.79
CA SER B 122 3.34 35.17 -30.64
C SER B 122 2.94 35.55 -32.05
N ASP B 123 3.84 36.23 -32.75
CA ASP B 123 3.58 36.53 -34.16
C ASP B 123 3.34 35.25 -34.94
N GLU B 124 4.12 34.23 -34.64
CA GLU B 124 4.02 32.96 -35.29
C GLU B 124 2.67 32.34 -35.10
N GLN B 125 2.12 32.46 -33.92
CA GLN B 125 0.78 31.94 -33.70
C GLN B 125 -0.26 32.75 -34.45
N LEU B 126 -0.07 34.07 -34.53
CA LEU B 126 -1.08 34.89 -35.19
C LEU B 126 -1.22 34.50 -36.65
N LYS B 127 -0.11 34.10 -37.30
CA LYS B 127 -0.15 33.60 -38.67
C LYS B 127 -1.20 32.51 -38.85
N SER B 128 -1.34 31.61 -37.88
CA SER B 128 -2.25 30.47 -37.98
C SER B 128 -3.70 30.78 -37.61
N GLY B 129 -4.02 32.02 -37.30
CA GLY B 129 -5.42 32.40 -37.12
C GLY B 129 -5.95 32.35 -35.71
N THR B 130 -5.11 32.08 -34.72
CA THR B 130 -5.55 31.97 -33.34
C THR B 130 -4.67 32.84 -32.47
N ALA B 131 -5.26 33.41 -31.42
CA ALA B 131 -4.52 34.20 -30.45
C ALA B 131 -4.74 33.63 -29.06
N SER B 132 -3.67 33.10 -28.46
CA SER B 132 -3.68 32.69 -27.06
C SER B 132 -2.94 33.76 -26.24
N VAL B 133 -3.61 34.30 -25.24
CA VAL B 133 -2.95 35.21 -24.29
C VAL B 133 -2.80 34.45 -22.99
N VAL B 134 -1.65 34.60 -22.34
CA VAL B 134 -1.30 33.76 -21.18
C VAL B 134 -0.93 34.66 -20.01
N CYS B 135 -1.52 34.36 -18.85
CA CYS B 135 -1.22 35.03 -17.61
C CYS B 135 -0.64 34.03 -16.61
N LEU B 136 0.46 34.41 -15.99
CA LEU B 136 1.22 33.55 -15.11
C LEU B 136 1.16 34.11 -13.70
N LEU B 137 0.80 33.25 -12.75
CA LEU B 137 0.86 33.54 -11.33
C LEU B 137 1.85 32.57 -10.72
N ASN B 138 2.93 33.07 -10.17
CA ASN B 138 4.10 32.27 -9.85
C ASN B 138 4.35 32.27 -8.36
N ASN B 139 4.50 31.06 -7.79
CA ASN B 139 5.06 30.83 -6.46
C ASN B 139 4.25 31.52 -5.37
N PHE B 140 3.00 31.10 -5.23
CA PHE B 140 2.10 31.74 -4.27
C PHE B 140 1.44 30.67 -3.38
N TYR B 141 0.77 31.16 -2.34
CA TYR B 141 0.08 30.31 -1.38
C TYR B 141 -0.84 31.17 -0.57
N PRO B 142 -2.07 30.68 -0.28
CA PRO B 142 -2.65 29.37 -0.59
C PRO B 142 -3.00 29.20 -2.08
N ARG B 143 -3.76 28.19 -2.43
CA ARG B 143 -4.04 27.90 -3.82
C ARG B 143 -5.14 28.78 -4.39
N GLU B 144 -6.04 29.21 -3.56
CA GLU B 144 -7.17 30.03 -3.99
C GLU B 144 -6.67 31.34 -4.60
N ALA B 145 -7.05 31.59 -5.84
CA ALA B 145 -6.65 32.81 -6.54
C ALA B 145 -7.73 33.13 -7.55
N LYS B 146 -8.03 34.41 -7.70
CA LYS B 146 -9.01 34.86 -8.67
C LYS B 146 -8.26 35.52 -9.82
N VAL B 147 -8.48 35.01 -11.03
CA VAL B 147 -7.87 35.54 -12.24
C VAL B 147 -8.98 36.03 -13.15
N GLN B 148 -8.89 37.28 -13.58
CA GLN B 148 -9.95 37.91 -14.36
C GLN B 148 -9.33 38.58 -15.57
N TRP B 149 -9.79 38.19 -16.75
CA TRP B 149 -9.35 38.79 -18.00
C TRP B 149 -10.20 40.01 -18.32
N LYS B 150 -9.54 41.04 -18.86
CA LYS B 150 -10.22 42.25 -19.31
C LYS B 150 -9.69 42.65 -20.67
N VAL B 151 -10.60 42.85 -21.61
CA VAL B 151 -10.23 43.27 -22.95
C VAL B 151 -10.88 44.63 -23.19
N ASP B 152 -10.06 45.66 -23.33
CA ASP B 152 -10.53 47.05 -23.36
C ASP B 152 -11.51 47.34 -22.22
N ASN B 153 -11.17 46.84 -21.04
CA ASN B 153 -11.98 46.93 -19.82
C ASN B 153 -13.25 46.11 -19.90
N ALA B 154 -13.47 45.35 -20.97
CA ALA B 154 -14.57 44.41 -20.96
C ALA B 154 -14.13 43.13 -20.27
N LEU B 155 -14.91 42.70 -19.28
CA LEU B 155 -14.58 41.51 -18.49
C LEU B 155 -14.91 40.25 -19.27
N GLN B 156 -13.94 39.34 -19.38
CA GLN B 156 -14.13 38.14 -20.16
C GLN B 156 -14.68 37.01 -19.30
N SER B 157 -15.35 36.06 -19.97
CA SER B 157 -15.84 34.85 -19.34
C SER B 157 -16.15 33.83 -20.43
N GLY B 158 -15.93 32.55 -20.10
CA GLY B 158 -16.17 31.44 -21.01
C GLY B 158 -15.13 31.26 -22.08
N ASN B 159 -14.06 32.05 -22.07
CA ASN B 159 -13.05 31.97 -23.12
C ASN B 159 -11.65 31.81 -22.52
N SER B 160 -11.56 31.20 -21.33
CA SER B 160 -10.25 30.98 -20.72
C SER B 160 -10.27 29.69 -19.90
N GLN B 161 -9.08 29.18 -19.63
CA GLN B 161 -8.90 27.94 -18.90
C GLN B 161 -7.69 28.08 -18.00
N GLU B 162 -7.83 27.67 -16.75
CA GLU B 162 -6.75 27.74 -15.80
C GLU B 162 -6.14 26.37 -15.60
N SER B 163 -4.87 26.37 -15.20
CA SER B 163 -4.14 25.18 -14.85
C SER B 163 -3.26 25.50 -13.65
N VAL B 164 -3.22 24.60 -12.67
CA VAL B 164 -2.47 24.82 -11.44
C VAL B 164 -1.51 23.66 -11.25
N THR B 165 -0.28 23.94 -10.84
CA THR B 165 0.66 22.85 -10.58
C THR B 165 0.39 22.22 -9.21
N GLU B 166 1.09 21.13 -8.94
CA GLU B 166 1.11 20.56 -7.61
C GLU B 166 2.06 21.36 -6.74
N GLN B 167 1.93 21.18 -5.42
CA GLN B 167 2.77 21.91 -4.49
C GLN B 167 4.24 21.71 -4.83
N ASP B 168 4.99 22.80 -4.83
CA ASP B 168 6.38 22.69 -5.21
C ASP B 168 7.16 21.93 -4.14
N SER B 169 8.17 21.15 -4.56
CA SER B 169 8.85 20.28 -3.62
C SER B 169 9.73 21.05 -2.64
N LYS B 170 10.19 22.24 -3.03
CA LYS B 170 11.14 23.01 -2.21
C LYS B 170 10.44 24.02 -1.31
N ASP B 171 9.57 24.87 -1.87
CA ASP B 171 8.95 25.96 -1.13
C ASP B 171 7.47 25.76 -0.87
N SER B 172 6.88 24.66 -1.34
CA SER B 172 5.49 24.30 -1.05
C SER B 172 4.50 25.33 -1.58
N THR B 173 4.85 26.05 -2.65
CA THR B 173 3.95 27.01 -3.26
C THR B 173 3.29 26.39 -4.49
N TYR B 174 2.28 27.08 -5.00
CA TYR B 174 1.64 26.73 -6.25
C TYR B 174 1.97 27.75 -7.31
N SER B 175 1.83 27.33 -8.57
CA SER B 175 1.79 28.26 -9.69
C SER B 175 0.53 27.98 -10.51
N LEU B 176 0.09 29.00 -11.27
CA LEU B 176 -1.13 28.91 -12.07
C LEU B 176 -0.92 29.63 -13.39
N SER B 177 -1.48 29.08 -14.45
CA SER B 177 -1.54 29.75 -15.74
C SER B 177 -3.00 29.88 -16.12
N SER B 178 -3.35 31.00 -16.74
CA SER B 178 -4.68 31.21 -17.28
C SER B 178 -4.48 31.61 -18.74
N THR B 179 -5.21 30.95 -19.62
CA THR B 179 -5.04 31.11 -21.05
C THR B 179 -6.33 31.62 -21.64
N LEU B 180 -6.26 32.74 -22.34
CA LEU B 180 -7.40 33.33 -23.00
C LEU B 180 -7.25 33.04 -24.49
N THR B 181 -8.26 32.40 -25.09
CA THR B 181 -8.21 32.06 -26.50
C THR B 181 -9.17 32.92 -27.31
N LEU B 182 -8.66 33.55 -28.36
CA LEU B 182 -9.51 34.29 -29.28
C LEU B 182 -9.12 33.98 -30.72
N SER B 183 -10.07 34.23 -31.61
CA SER B 183 -9.75 34.24 -33.03
C SER B 183 -8.85 35.43 -33.34
N LYS B 184 -7.99 35.24 -34.35
CA LYS B 184 -7.12 36.34 -34.79
C LYS B 184 -7.93 37.59 -35.09
N ALA B 185 -9.05 37.43 -35.78
CA ALA B 185 -9.92 38.56 -36.07
C ALA B 185 -10.32 39.26 -34.79
N ASP B 186 -11.04 38.54 -33.93
CA ASP B 186 -11.45 39.08 -32.62
C ASP B 186 -10.27 39.73 -31.90
N TYR B 187 -9.10 39.11 -31.95
CA TYR B 187 -7.95 39.66 -31.22
C TYR B 187 -7.54 41.01 -31.79
N GLU B 188 -7.67 41.19 -33.10
CA GLU B 188 -7.19 42.40 -33.74
C GLU B 188 -8.22 43.50 -33.73
N LYS B 189 -9.30 43.35 -32.97
CA LYS B 189 -10.35 44.35 -32.91
C LYS B 189 -10.25 45.06 -31.56
N HIS B 190 -9.26 44.70 -30.73
CA HIS B 190 -9.11 45.26 -29.39
C HIS B 190 -7.65 45.53 -29.03
N LYS B 191 -7.44 46.49 -28.12
CA LYS B 191 -6.13 47.05 -27.84
C LYS B 191 -5.52 46.64 -26.50
N VAL B 192 -6.28 46.78 -25.43
CA VAL B 192 -5.76 46.58 -24.08
C VAL B 192 -6.22 45.22 -23.58
N TYR B 193 -5.25 44.35 -23.32
CA TYR B 193 -5.48 43.02 -22.76
C TYR B 193 -4.87 43.04 -21.37
N ALA B 194 -5.69 42.80 -20.36
CA ALA B 194 -5.23 42.90 -18.99
C ALA B 194 -5.56 41.63 -18.23
N CYS B 195 -4.68 41.29 -17.31
CA CYS B 195 -4.84 40.16 -16.41
C CYS B 195 -4.96 40.72 -15.00
N GLU B 196 -6.13 40.56 -14.39
CA GLU B 196 -6.34 41.05 -13.04
C GLU B 196 -6.35 39.90 -12.05
N VAL B 197 -5.52 40.01 -11.02
CA VAL B 197 -5.27 38.94 -10.08
C VAL B 197 -5.59 39.44 -8.69
N THR B 198 -6.44 38.72 -7.97
CA THR B 198 -6.72 39.03 -6.58
C THR B 198 -6.40 37.79 -5.73
N HIS B 199 -5.82 38.00 -4.56
CA HIS B 199 -5.23 36.91 -3.81
C HIS B 199 -4.92 37.40 -2.41
N GLN B 200 -5.02 36.48 -1.45
CA GLN B 200 -4.81 36.80 -0.05
C GLN B 200 -3.49 37.53 0.19
N GLY B 201 -2.46 37.21 -0.60
CA GLY B 201 -1.14 37.77 -0.37
C GLY B 201 -0.96 39.19 -0.85
N LEU B 202 -1.90 39.69 -1.64
CA LEU B 202 -1.84 41.06 -2.16
C LEU B 202 -2.84 41.92 -1.41
N SER B 203 -2.42 43.15 -1.08
CA SER B 203 -3.27 44.08 -0.35
C SER B 203 -4.43 44.61 -1.19
N SER B 204 -4.37 44.46 -2.50
CA SER B 204 -5.45 44.79 -3.41
C SER B 204 -5.06 44.19 -4.76
N PRO B 205 -5.98 44.11 -5.73
CA PRO B 205 -5.67 43.37 -6.96
C PRO B 205 -4.48 43.93 -7.73
N VAL B 206 -3.70 43.01 -8.31
CA VAL B 206 -2.60 43.37 -9.22
C VAL B 206 -3.05 43.17 -10.65
N THR B 207 -2.68 44.10 -11.53
CA THR B 207 -3.04 44.04 -12.94
C THR B 207 -1.79 44.08 -13.82
N LYS B 208 -1.68 43.12 -14.73
CA LYS B 208 -0.69 43.14 -15.77
C LYS B 208 -1.41 43.24 -17.09
N SER B 209 -0.90 44.06 -18.00
CA SER B 209 -1.56 44.30 -19.27
C SER B 209 -0.52 44.65 -20.31
N PHE B 210 -0.93 44.57 -21.57
CA PHE B 210 -0.10 45.03 -22.67
C PHE B 210 -1.01 45.68 -23.69
N ASN B 211 -0.41 46.47 -24.55
CA ASN B 211 -1.13 47.07 -25.65
C ASN B 211 -0.82 46.28 -26.92
N ARG B 212 -1.86 45.83 -27.60
CA ARG B 212 -1.67 45.00 -28.77
C ARG B 212 -0.69 45.56 -29.76
N GLY B 213 0.11 44.68 -30.30
CA GLY B 213 0.96 45.06 -31.41
C GLY B 213 2.04 46.01 -30.94
N GLU B 214 2.44 45.93 -29.68
CA GLU B 214 3.58 46.70 -29.22
C GLU B 214 4.30 46.08 -28.04
N GLN C 1 13.74 -6.86 -3.59
CA GLN C 1 13.77 -7.77 -4.70
C GLN C 1 12.39 -8.37 -5.06
N VAL C 2 11.39 -8.19 -4.18
CA VAL C 2 10.01 -8.46 -4.57
C VAL C 2 9.55 -7.35 -5.53
N GLN C 3 9.07 -7.74 -6.71
CA GLN C 3 8.85 -6.78 -7.80
C GLN C 3 7.68 -7.19 -8.71
N LEU C 4 6.95 -6.20 -9.18
CA LEU C 4 5.97 -6.39 -10.24
C LEU C 4 6.27 -5.37 -11.33
N VAL C 5 6.58 -5.84 -12.53
CA VAL C 5 6.98 -4.99 -13.64
C VAL C 5 5.95 -5.15 -14.75
N GLN C 6 5.36 -4.03 -15.17
CA GLN C 6 4.23 -4.04 -16.11
C GLN C 6 4.67 -3.67 -17.51
N SER C 7 3.83 -4.06 -18.48
CA SER C 7 4.05 -3.66 -19.86
C SER C 7 2.72 -3.64 -20.61
N GLY C 8 2.80 -3.18 -21.85
CA GLY C 8 1.66 -3.13 -22.73
C GLY C 8 1.00 -1.78 -22.68
N GLY C 9 -0.27 -1.76 -23.03
CA GLY C 9 -1.04 -0.54 -22.90
C GLY C 9 -1.00 0.28 -24.17
N GLY C 10 -1.33 1.56 -24.02
CA GLY C 10 -1.32 2.47 -25.15
C GLY C 10 -2.64 3.17 -25.40
N LEU C 11 -2.77 3.71 -26.60
CA LEU C 11 -3.98 4.38 -27.06
C LEU C 11 -4.67 3.51 -28.08
N VAL C 12 -5.98 3.35 -27.92
CA VAL C 12 -6.80 2.66 -28.92
C VAL C 12 -8.08 3.45 -29.12
N LYS C 13 -8.71 3.23 -30.27
CA LYS C 13 -10.03 3.78 -30.57
C LYS C 13 -11.12 2.94 -29.91
N PRO C 14 -12.31 3.50 -29.68
CA PRO C 14 -13.40 2.72 -29.10
C PRO C 14 -13.62 1.40 -29.84
N GLY C 15 -13.97 0.36 -29.09
CA GLY C 15 -14.15 -0.97 -29.63
C GLY C 15 -12.87 -1.71 -30.00
N GLY C 16 -11.70 -1.12 -29.77
CA GLY C 16 -10.44 -1.76 -30.07
C GLY C 16 -9.99 -2.66 -28.94
N SER C 17 -8.76 -3.14 -29.06
CA SER C 17 -8.22 -4.16 -28.17
C SER C 17 -6.80 -3.83 -27.74
N LEU C 18 -6.42 -4.34 -26.57
CA LEU C 18 -5.11 -4.13 -25.98
C LEU C 18 -4.76 -5.34 -25.11
N ARG C 19 -3.47 -5.43 -24.74
CA ARG C 19 -3.01 -6.38 -23.75
C ARG C 19 -2.11 -5.68 -22.74
N LEU C 20 -2.37 -5.91 -21.46
CA LEU C 20 -1.44 -5.56 -20.39
C LEU C 20 -0.74 -6.84 -19.91
N SER C 21 0.53 -6.71 -19.53
CA SER C 21 1.26 -7.84 -18.94
C SER C 21 1.95 -7.42 -17.65
N CYS C 22 2.22 -8.38 -16.77
CA CYS C 22 2.74 -8.09 -15.44
C CYS C 22 3.72 -9.19 -15.03
N ALA C 23 5.02 -8.89 -15.07
CA ALA C 23 6.07 -9.86 -14.80
C ALA C 23 6.48 -9.84 -13.32
N ALA C 24 6.46 -11.00 -12.67
CA ALA C 24 6.73 -11.07 -11.23
C ALA C 24 8.18 -11.46 -10.96
N SER C 25 8.71 -10.96 -9.85
CA SER C 25 10.08 -11.27 -9.48
C SER C 25 10.23 -11.27 -7.97
N GLY C 26 11.00 -12.23 -7.44
CA GLY C 26 11.37 -12.22 -6.03
C GLY C 26 10.41 -12.87 -5.05
N PHE C 27 9.38 -13.58 -5.53
CA PHE C 27 8.45 -14.23 -4.61
C PHE C 27 7.77 -15.38 -5.34
N PRO C 28 7.26 -16.39 -4.62
CA PRO C 28 6.67 -17.56 -5.31
C PRO C 28 5.35 -17.23 -6.00
N PHE C 29 5.40 -16.96 -7.31
CA PHE C 29 4.25 -16.41 -8.02
C PHE C 29 3.03 -17.33 -7.93
N SER C 30 3.25 -18.64 -8.04
CA SER C 30 2.16 -19.63 -8.15
C SER C 30 1.33 -19.72 -6.88
N SER C 31 1.89 -19.36 -5.73
CA SER C 31 1.21 -19.40 -4.44
C SER C 31 0.10 -18.37 -4.33
N TYR C 32 0.11 -17.32 -5.13
CA TYR C 32 -0.74 -16.20 -4.89
C TYR C 32 -1.88 -15.90 -5.84
N TYR C 33 -2.92 -15.34 -5.28
CA TYR C 33 -3.92 -14.65 -6.07
C TYR C 33 -3.29 -13.36 -6.64
N MET C 34 -3.78 -12.91 -7.80
CA MET C 34 -3.25 -11.72 -8.45
C MET C 34 -4.39 -10.89 -9.01
N SER C 35 -4.22 -9.57 -9.03
CA SER C 35 -5.35 -8.70 -9.33
C SER C 35 -4.92 -7.54 -10.21
N TRP C 36 -5.91 -6.92 -10.86
CA TRP C 36 -5.78 -5.66 -11.60
C TRP C 36 -6.70 -4.61 -11.00
N ILE C 37 -6.16 -3.41 -10.78
CA ILE C 37 -6.93 -2.27 -10.29
C ILE C 37 -6.68 -1.10 -11.23
N ARG C 38 -7.70 -0.27 -11.45
CA ARG C 38 -7.54 0.86 -12.34
C ARG C 38 -7.83 2.17 -11.62
N GLN C 39 -7.20 3.22 -12.13
CA GLN C 39 -7.42 4.60 -11.70
C GLN C 39 -7.72 5.45 -12.92
N ALA C 40 -8.95 5.93 -13.05
CA ALA C 40 -9.27 6.86 -14.11
C ALA C 40 -8.55 8.20 -13.87
N PRO C 41 -8.15 8.90 -14.94
CA PRO C 41 -7.47 10.20 -14.77
C PRO C 41 -8.20 11.13 -13.82
N GLY C 42 -7.57 11.45 -12.68
CA GLY C 42 -8.15 12.34 -11.71
C GLY C 42 -9.12 11.72 -10.73
N LYS C 43 -9.26 10.39 -10.70
CA LYS C 43 -10.20 9.79 -9.77
C LYS C 43 -9.49 8.78 -8.87
N GLY C 44 -10.30 7.96 -8.20
CA GLY C 44 -9.80 6.99 -7.25
C GLY C 44 -9.69 5.59 -7.85
N LEU C 45 -9.29 4.66 -6.99
CA LEU C 45 -9.09 3.28 -7.40
C LEU C 45 -10.36 2.46 -7.55
N GLU C 46 -10.32 1.52 -8.48
CA GLU C 46 -11.41 0.64 -8.75
C GLU C 46 -10.89 -0.74 -9.08
N TRP C 47 -11.19 -1.74 -8.28
CA TRP C 47 -10.82 -3.10 -8.59
C TRP C 47 -11.42 -3.50 -9.93
N VAL C 48 -10.63 -4.19 -10.75
CA VAL C 48 -11.06 -4.70 -12.04
C VAL C 48 -11.28 -6.21 -12.00
N SER C 49 -10.25 -6.97 -11.61
CA SER C 49 -10.22 -8.41 -11.85
C SER C 49 -9.22 -9.09 -10.92
N ASP C 50 -9.49 -10.37 -10.61
CA ASP C 50 -8.46 -11.19 -9.97
C ASP C 50 -8.57 -12.65 -10.43
N ILE C 51 -7.50 -13.41 -10.17
CA ILE C 51 -7.35 -14.77 -10.68
C ILE C 51 -6.66 -15.59 -9.61
N ASN C 52 -7.10 -16.85 -9.45
CA ASN C 52 -6.55 -17.73 -8.41
C ASN C 52 -5.18 -18.27 -8.82
N ASN C 53 -4.53 -18.95 -7.86
CA ASN C 53 -3.20 -19.52 -8.07
C ASN C 53 -3.13 -20.36 -9.33
N SER C 54 -4.10 -21.28 -9.49
CA SER C 54 -4.04 -22.25 -10.57
C SER C 54 -4.32 -21.63 -11.94
N GLY C 55 -4.97 -20.48 -11.98
CA GLY C 55 -5.14 -19.76 -13.23
C GLY C 55 -6.45 -19.96 -13.93
N ASN C 56 -7.41 -20.66 -13.31
CA ASN C 56 -8.69 -20.93 -13.95
C ASN C 56 -9.88 -20.24 -13.30
N VAL C 57 -9.76 -19.75 -12.07
CA VAL C 57 -10.85 -19.08 -11.39
C VAL C 57 -10.61 -17.58 -11.43
N LYS C 58 -11.61 -16.83 -11.93
CA LYS C 58 -11.43 -15.46 -12.43
C LYS C 58 -12.64 -14.61 -12.06
N GLU C 59 -12.43 -13.57 -11.26
CA GLU C 59 -13.50 -12.65 -10.86
C GLU C 59 -13.36 -11.33 -11.60
N TYR C 60 -14.50 -10.72 -11.97
CA TYR C 60 -14.54 -9.46 -12.70
C TYR C 60 -15.53 -8.50 -12.05
N ALA C 61 -15.19 -7.21 -12.12
CA ALA C 61 -16.12 -6.19 -11.66
C ALA C 61 -17.32 -6.10 -12.62
N ASP C 62 -18.40 -5.51 -12.14
CA ASP C 62 -19.64 -5.49 -12.90
C ASP C 62 -19.55 -4.67 -14.19
N PHE C 63 -18.58 -3.76 -14.30
CA PHE C 63 -18.43 -2.99 -15.53
C PHE C 63 -17.65 -3.73 -16.61
N VAL C 64 -17.05 -4.87 -16.29
CA VAL C 64 -16.20 -5.60 -17.26
C VAL C 64 -17.06 -6.24 -18.35
N LYS C 65 -17.95 -7.14 -17.96
CA LYS C 65 -18.88 -7.84 -18.87
C LYS C 65 -18.15 -8.49 -20.06
N GLY C 66 -17.25 -9.41 -19.73
CA GLY C 66 -16.55 -10.20 -20.72
C GLY C 66 -15.72 -9.44 -21.74
N ARG C 67 -15.63 -8.12 -21.61
CA ARG C 67 -14.76 -7.38 -22.52
C ARG C 67 -13.29 -7.54 -22.13
N LEU C 68 -13.00 -7.68 -20.84
CA LEU C 68 -11.64 -7.87 -20.35
C LEU C 68 -11.54 -9.24 -19.71
N THR C 69 -10.49 -9.97 -20.02
CA THR C 69 -10.30 -11.27 -19.41
C THR C 69 -8.89 -11.37 -18.85
N ILE C 70 -8.78 -12.12 -17.77
CA ILE C 70 -7.56 -12.19 -16.99
C ILE C 70 -6.98 -13.57 -17.19
N SER C 71 -5.65 -13.65 -17.26
CA SER C 71 -5.00 -14.95 -17.37
C SER C 71 -3.63 -14.88 -16.70
N ARG C 72 -3.05 -16.04 -16.43
CA ARG C 72 -1.73 -16.08 -15.84
C ARG C 72 -0.87 -17.17 -16.46
N ASP C 73 0.44 -17.00 -16.33
CA ASP C 73 1.39 -17.97 -16.83
C ASP C 73 2.35 -18.31 -15.69
N ASN C 74 2.11 -19.46 -15.06
CA ASN C 74 2.86 -19.75 -13.85
C ASN C 74 4.28 -20.23 -14.08
N VAL C 75 4.71 -20.49 -15.30
CA VAL C 75 6.14 -20.78 -15.51
C VAL C 75 6.89 -19.55 -16.00
N LYS C 76 6.29 -18.70 -16.85
CA LYS C 76 6.96 -17.41 -17.07
C LYS C 76 6.72 -16.42 -15.95
N ASN C 77 5.93 -16.78 -14.92
CA ASN C 77 5.71 -15.89 -13.78
C ASN C 77 5.10 -14.56 -14.23
N SER C 78 4.02 -14.66 -15.00
CA SER C 78 3.44 -13.44 -15.54
C SER C 78 1.92 -13.53 -15.51
N MET C 79 1.33 -12.35 -15.60
CA MET C 79 -0.11 -12.18 -15.58
C MET C 79 -0.49 -11.26 -16.73
N TYR C 80 -1.70 -11.42 -17.25
CA TYR C 80 -2.16 -10.64 -18.39
C TYR C 80 -3.58 -10.18 -18.16
N LEU C 81 -3.89 -9.01 -18.72
CA LEU C 81 -5.26 -8.56 -18.93
C LEU C 81 -5.50 -8.44 -20.43
N HIS C 82 -6.45 -9.21 -20.95
CA HIS C 82 -6.85 -9.13 -22.34
C HIS C 82 -8.04 -8.19 -22.45
N MET C 83 -7.88 -7.14 -23.26
CA MET C 83 -8.84 -6.06 -23.33
C MET C 83 -9.45 -6.04 -24.72
N ASN C 84 -10.77 -6.23 -24.80
CA ASN C 84 -11.50 -6.12 -26.07
C ASN C 84 -12.68 -5.18 -25.89
N SER C 85 -13.23 -4.73 -27.03
CA SER C 85 -14.44 -3.92 -27.01
C SER C 85 -14.29 -2.68 -26.13
N LEU C 86 -13.09 -2.10 -26.14
CA LEU C 86 -12.80 -1.06 -25.18
C LEU C 86 -13.70 0.16 -25.39
N ARG C 87 -14.10 0.77 -24.28
CA ARG C 87 -14.88 2.00 -24.27
C ARG C 87 -14.06 3.13 -23.66
N VAL C 88 -14.40 4.38 -24.03
CA VAL C 88 -13.67 5.54 -23.53
C VAL C 88 -13.70 5.56 -22.01
N GLU C 89 -14.73 4.95 -21.40
CA GLU C 89 -14.78 4.81 -19.94
C GLU C 89 -13.71 3.88 -19.40
N ASP C 90 -13.07 3.08 -20.23
CA ASP C 90 -12.01 2.22 -19.75
C ASP C 90 -10.67 2.93 -19.68
N THR C 91 -10.64 4.20 -20.07
CA THR C 91 -9.43 4.99 -19.99
C THR C 91 -8.99 5.12 -18.53
N ALA C 92 -7.72 4.80 -18.27
CA ALA C 92 -7.17 4.87 -16.96
C ALA C 92 -5.79 4.26 -16.84
N VAL C 93 -5.25 4.28 -15.64
CA VAL C 93 -4.00 3.64 -15.37
C VAL C 93 -4.39 2.35 -14.70
N TYR C 94 -3.82 1.26 -15.16
CA TYR C 94 -4.14 -0.06 -14.65
C TYR C 94 -2.93 -0.59 -13.90
N TYR C 95 -3.15 -1.07 -12.68
CA TYR C 95 -2.10 -1.65 -11.85
C TYR C 95 -2.36 -3.13 -11.67
N CYS C 96 -1.32 -3.95 -11.80
CA CYS C 96 -1.41 -5.30 -11.26
C CYS C 96 -1.02 -5.27 -9.78
N ALA C 97 -1.59 -6.20 -9.01
CA ALA C 97 -1.22 -6.28 -7.60
C ALA C 97 -1.36 -7.71 -7.10
N ARG C 98 -0.60 -8.03 -6.05
CA ARG C 98 -0.63 -9.32 -5.41
C ARG C 98 -1.75 -9.41 -4.38
N ASN C 99 -2.27 -10.63 -4.24
CA ASN C 99 -3.33 -11.02 -3.30
C ASN C 99 -4.70 -10.68 -3.81
N ARG C 100 -5.70 -11.26 -3.17
CA ARG C 100 -7.09 -10.92 -3.38
C ARG C 100 -7.49 -9.90 -2.32
N GLY C 101 -8.00 -8.75 -2.76
CA GLY C 101 -8.31 -7.65 -1.85
C GLY C 101 -7.15 -6.90 -1.20
N ARG C 102 -6.38 -7.59 -0.35
CA ARG C 102 -5.27 -6.97 0.38
C ARG C 102 -4.07 -6.82 -0.55
N PHE C 103 -4.01 -5.68 -1.25
CA PHE C 103 -3.00 -5.49 -2.28
C PHE C 103 -1.70 -5.03 -1.63
N ASP C 104 -0.82 -5.99 -1.34
CA ASP C 104 0.40 -5.67 -0.59
C ASP C 104 1.62 -5.45 -1.47
N VAL C 105 1.52 -5.68 -2.79
CA VAL C 105 2.55 -5.33 -3.77
C VAL C 105 1.85 -4.86 -5.05
N TRP C 106 2.36 -3.77 -5.65
CA TRP C 106 1.78 -3.10 -6.81
C TRP C 106 2.82 -2.94 -7.89
N GLY C 107 2.42 -3.18 -9.16
CA GLY C 107 3.25 -2.76 -10.27
C GLY C 107 3.28 -1.23 -10.41
N GLN C 108 4.06 -0.76 -11.39
CA GLN C 108 4.20 0.68 -11.57
C GLN C 108 3.04 1.31 -12.34
N GLY C 109 2.15 0.51 -12.92
CA GLY C 109 0.98 1.04 -13.59
C GLY C 109 1.23 1.30 -15.06
N THR C 110 0.23 1.09 -15.91
CA THR C 110 0.36 1.38 -17.32
C THR C 110 -0.89 2.10 -17.81
N LEU C 111 -0.67 2.99 -18.76
CA LEU C 111 -1.70 3.90 -19.22
C LEU C 111 -2.46 3.28 -20.40
N VAL C 112 -3.77 3.15 -20.26
CA VAL C 112 -4.69 2.79 -21.33
C VAL C 112 -5.58 3.98 -21.62
N THR C 113 -5.52 4.50 -22.86
CA THR C 113 -6.37 5.58 -23.30
C THR C 113 -7.26 5.10 -24.44
N VAL C 114 -8.57 5.32 -24.28
CA VAL C 114 -9.55 4.96 -25.30
C VAL C 114 -10.19 6.24 -25.80
N SER C 115 -9.92 6.61 -27.04
CA SER C 115 -10.54 7.79 -27.64
C SER C 115 -10.66 7.62 -29.15
N ALA C 116 -11.70 8.25 -29.71
CA ALA C 116 -11.88 8.35 -31.15
C ALA C 116 -10.96 9.39 -31.80
N ALA C 117 -10.48 10.36 -31.03
CA ALA C 117 -9.56 11.37 -31.55
C ALA C 117 -8.32 10.71 -32.15
N SER C 118 -7.64 11.45 -33.00
CA SER C 118 -6.47 10.94 -33.69
C SER C 118 -5.20 11.56 -33.12
N THR C 119 -4.11 10.83 -33.31
CA THR C 119 -2.79 11.23 -32.80
C THR C 119 -2.28 12.47 -33.54
N LYS C 120 -1.92 13.51 -32.78
CA LYS C 120 -1.47 14.76 -33.40
C LYS C 120 -0.40 15.43 -32.57
N GLY C 121 0.76 15.71 -33.19
CA GLY C 121 1.81 16.45 -32.54
C GLY C 121 1.41 17.88 -32.30
N PRO C 122 2.03 18.52 -31.31
CA PRO C 122 1.66 19.90 -30.95
C PRO C 122 2.32 20.96 -31.82
N SER C 123 1.74 22.15 -31.76
CA SER C 123 2.45 23.36 -32.17
C SER C 123 3.08 23.98 -30.93
N VAL C 124 4.29 24.49 -31.09
CA VAL C 124 5.02 25.10 -29.98
C VAL C 124 5.22 26.57 -30.30
N PHE C 125 4.76 27.44 -29.39
CA PHE C 125 4.95 28.85 -29.57
C PHE C 125 5.69 29.48 -28.41
N PRO C 126 6.51 30.50 -28.66
CA PRO C 126 7.22 31.17 -27.56
C PRO C 126 6.32 32.09 -26.74
N LEU C 127 6.65 32.19 -25.46
CA LEU C 127 6.04 33.10 -24.51
C LEU C 127 7.13 34.07 -24.09
N ALA C 128 7.14 35.22 -24.73
CA ALA C 128 8.27 36.11 -24.62
C ALA C 128 7.96 37.25 -23.66
N PRO C 129 8.90 37.56 -22.77
CA PRO C 129 8.80 38.78 -21.96
C PRO C 129 8.50 40.02 -22.81
N SER C 130 7.58 40.86 -22.31
CA SER C 130 7.10 42.05 -23.01
C SER C 130 7.53 43.36 -22.37
N SER C 131 7.49 43.48 -21.04
CA SER C 131 8.02 44.63 -20.32
C SER C 131 8.71 44.13 -19.06
N LYS C 132 9.90 44.67 -18.80
CA LYS C 132 10.72 44.24 -17.66
C LYS C 132 10.00 44.43 -16.33
N SER C 135 8.64 41.79 -12.90
CA SER C 135 9.35 42.15 -11.71
C SER C 135 10.49 43.08 -12.04
N GLY C 136 11.40 43.18 -11.08
CA GLY C 136 12.58 43.98 -11.23
C GLY C 136 13.65 43.12 -11.83
N GLY C 137 14.28 42.32 -10.98
CA GLY C 137 15.40 41.47 -11.33
C GLY C 137 15.06 40.05 -11.77
N THR C 138 13.81 39.62 -11.70
CA THR C 138 13.38 38.31 -12.18
C THR C 138 12.50 38.45 -13.43
N ALA C 139 12.87 37.76 -14.50
CA ALA C 139 12.06 37.70 -15.72
C ALA C 139 11.38 36.35 -15.84
N ALA C 140 10.24 36.33 -16.51
CA ALA C 140 9.52 35.11 -16.81
C ALA C 140 9.47 34.89 -18.30
N LEU C 141 9.58 33.65 -18.67
CA LEU C 141 9.48 33.23 -20.03
C LEU C 141 9.00 31.82 -20.13
N GLY C 142 8.62 31.42 -21.30
CA GLY C 142 8.02 30.10 -21.39
C GLY C 142 7.70 29.74 -22.82
N CYS C 143 6.98 28.64 -22.97
CA CYS C 143 6.56 28.28 -24.30
C CYS C 143 5.28 27.47 -24.21
N LEU C 144 4.45 27.65 -25.22
CA LEU C 144 3.07 27.20 -25.22
C LEU C 144 2.95 26.02 -26.17
N VAL C 145 2.37 24.94 -25.69
CA VAL C 145 2.32 23.67 -26.39
C VAL C 145 0.85 23.38 -26.65
N LYS C 146 0.43 23.48 -27.90
CA LYS C 146 -0.99 23.61 -28.23
C LYS C 146 -1.44 22.54 -29.21
N ASP C 147 -2.60 21.95 -28.92
CA ASP C 147 -3.34 21.09 -29.82
C ASP C 147 -2.60 19.80 -30.13
N TYR C 148 -2.44 18.98 -29.11
CA TYR C 148 -1.85 17.66 -29.26
C TYR C 148 -2.78 16.65 -28.65
N PHE C 149 -2.80 15.44 -29.19
CA PHE C 149 -3.73 14.46 -28.66
C PHE C 149 -3.17 13.56 -27.66
N PRO C 150 -2.58 12.47 -28.06
CA PRO C 150 -2.12 11.52 -27.07
C PRO C 150 -1.28 12.17 -26.01
N GLU C 151 -1.68 12.06 -24.77
CA GLU C 151 -0.83 12.49 -23.71
C GLU C 151 0.12 11.32 -23.43
N PRO C 152 1.35 11.63 -23.09
CA PRO C 152 1.76 12.97 -22.68
C PRO C 152 2.77 13.63 -23.60
N VAL C 153 3.07 14.87 -23.27
CA VAL C 153 4.15 15.62 -23.86
C VAL C 153 5.18 15.84 -22.74
N THR C 154 6.45 15.70 -23.07
CA THR C 154 7.51 16.01 -22.12
C THR C 154 8.20 17.28 -22.60
N VAL C 155 8.27 18.28 -21.73
CA VAL C 155 9.00 19.52 -22.00
C VAL C 155 10.23 19.52 -21.12
N SER C 156 11.35 19.96 -21.67
CA SER C 156 12.52 20.30 -20.88
C SER C 156 13.06 21.63 -21.40
N TRP C 157 14.08 22.14 -20.72
CA TRP C 157 14.65 23.43 -21.06
C TRP C 157 16.15 23.28 -21.21
N ASN C 158 16.69 23.87 -22.28
CA ASN C 158 18.11 23.80 -22.64
C ASN C 158 18.63 22.36 -22.51
N SER C 159 17.97 21.47 -23.26
CA SER C 159 18.32 20.05 -23.31
C SER C 159 18.35 19.40 -21.93
N GLY C 160 17.61 19.92 -20.97
CA GLY C 160 17.62 19.38 -19.62
C GLY C 160 18.57 20.05 -18.67
N ALA C 161 19.41 20.96 -19.16
CA ALA C 161 20.33 21.67 -18.29
C ALA C 161 19.64 22.72 -17.44
N LEU C 162 18.43 23.15 -17.79
CA LEU C 162 17.71 24.18 -17.04
C LEU C 162 16.50 23.54 -16.36
N THR C 163 16.58 23.42 -15.03
CA THR C 163 15.45 23.01 -14.22
C THR C 163 15.12 24.03 -13.15
N SER C 164 16.08 24.84 -12.74
CA SER C 164 15.82 25.84 -11.72
C SER C 164 14.80 26.85 -12.23
N GLY C 165 13.68 26.98 -11.52
CA GLY C 165 12.64 27.91 -11.90
C GLY C 165 11.66 27.43 -12.94
N VAL C 166 11.68 26.16 -13.34
CA VAL C 166 10.74 25.64 -14.33
C VAL C 166 9.44 25.24 -13.67
N HIS C 167 8.32 25.63 -14.27
CA HIS C 167 7.02 25.07 -13.96
C HIS C 167 6.41 24.63 -15.28
N THR C 168 6.13 23.32 -15.43
CA THR C 168 5.45 22.78 -16.60
C THR C 168 4.04 22.45 -16.15
N PHE C 169 3.06 23.19 -16.67
CA PHE C 169 1.73 23.06 -16.12
C PHE C 169 1.09 21.75 -16.55
N PRO C 170 0.22 21.18 -15.72
CA PRO C 170 -0.55 20.02 -16.17
C PRO C 170 -1.40 20.38 -17.37
N ALA C 171 -1.65 19.38 -18.20
CA ALA C 171 -2.38 19.58 -19.45
C ALA C 171 -3.87 19.74 -19.18
N VAL C 172 -4.53 20.46 -20.08
CA VAL C 172 -5.97 20.68 -20.03
C VAL C 172 -6.56 20.27 -21.36
N LEU C 173 -7.69 19.58 -21.31
CA LEU C 173 -8.44 19.23 -22.52
C LEU C 173 -9.28 20.43 -22.96
N GLN C 174 -8.93 21.02 -24.11
CA GLN C 174 -9.74 22.07 -24.73
C GLN C 174 -11.05 21.50 -25.27
N SER C 175 -11.95 22.41 -25.69
CA SER C 175 -13.23 21.97 -26.27
C SER C 175 -13.01 21.20 -27.56
N SER C 176 -11.96 21.52 -28.31
CA SER C 176 -11.58 20.76 -29.50
C SER C 176 -11.30 19.29 -29.21
N GLY C 177 -11.28 18.86 -27.95
CA GLY C 177 -10.84 17.50 -27.70
C GLY C 177 -9.35 17.31 -27.88
N LEU C 178 -8.59 18.38 -27.98
CA LEU C 178 -7.14 18.33 -28.02
C LEU C 178 -6.57 18.99 -26.77
N TYR C 179 -5.43 18.46 -26.30
CA TYR C 179 -4.79 18.95 -25.10
C TYR C 179 -3.95 20.19 -25.38
N SER C 180 -3.74 20.97 -24.32
CA SER C 180 -2.85 22.12 -24.39
C SER C 180 -2.17 22.33 -23.03
N LEU C 181 -0.97 22.89 -23.07
CA LEU C 181 -0.25 23.26 -21.85
C LEU C 181 0.78 24.34 -22.14
N SER C 182 1.19 25.01 -21.08
CA SER C 182 2.32 25.92 -21.14
C SER C 182 3.40 25.45 -20.17
N SER C 183 4.64 25.75 -20.52
CA SER C 183 5.77 25.57 -19.62
C SER C 183 6.45 26.93 -19.46
N VAL C 184 6.72 27.32 -18.23
CA VAL C 184 7.33 28.61 -17.96
C VAL C 184 8.60 28.40 -17.13
N VAL C 185 9.49 29.39 -17.18
CA VAL C 185 10.67 29.40 -16.32
C VAL C 185 10.93 30.84 -15.92
N THR C 186 11.34 31.06 -14.67
CA THR C 186 11.79 32.37 -14.24
C THR C 186 13.31 32.39 -14.15
N VAL C 187 13.93 33.41 -14.76
CA VAL C 187 15.37 33.54 -14.85
C VAL C 187 15.76 34.93 -14.36
N PRO C 188 17.03 35.12 -14.01
CA PRO C 188 17.52 36.47 -13.72
C PRO C 188 17.37 37.35 -14.95
N SER C 189 16.86 38.57 -14.74
CA SER C 189 16.67 39.46 -15.88
C SER C 189 18.00 39.85 -16.49
N SER C 190 19.06 39.90 -15.68
CA SER C 190 20.40 40.17 -16.19
C SER C 190 20.92 39.12 -17.16
N SER C 191 20.28 37.96 -17.26
CA SER C 191 20.74 36.93 -18.17
C SER C 191 19.93 36.86 -19.45
N LEU C 192 18.93 37.72 -19.62
CA LEU C 192 18.17 37.71 -20.88
C LEU C 192 19.06 38.07 -22.06
N GLY C 193 20.00 39.00 -21.84
CA GLY C 193 20.90 39.41 -22.91
C GLY C 193 22.08 38.50 -23.17
N THR C 194 22.36 37.52 -22.28
CA THR C 194 23.57 36.73 -22.44
C THR C 194 23.33 35.23 -22.52
N GLN C 195 22.27 34.71 -21.91
CA GLN C 195 21.97 33.28 -21.90
C GLN C 195 20.81 32.97 -22.84
N THR C 196 21.06 32.12 -23.83
CA THR C 196 20.00 31.62 -24.70
C THR C 196 19.13 30.61 -23.95
N TYR C 197 17.82 30.74 -24.10
CA TYR C 197 16.84 29.83 -23.50
C TYR C 197 16.05 29.14 -24.59
N ILE C 198 15.98 27.81 -24.52
CA ILE C 198 15.31 27.00 -25.53
C ILE C 198 14.45 25.98 -24.81
N CYS C 199 13.26 25.73 -25.34
CA CYS C 199 12.36 24.73 -24.79
C CYS C 199 12.30 23.53 -25.73
N ASN C 200 12.46 22.34 -25.19
CA ASN C 200 12.43 21.10 -25.93
C ASN C 200 11.14 20.40 -25.70
N VAL C 201 10.43 20.09 -26.76
CA VAL C 201 9.11 19.48 -26.65
C VAL C 201 9.16 18.16 -27.39
N ASN C 202 8.93 17.08 -26.67
CA ASN C 202 8.98 15.73 -27.21
C ASN C 202 7.63 15.10 -26.98
N HIS C 203 6.91 14.81 -28.07
CA HIS C 203 5.61 14.16 -28.02
C HIS C 203 5.78 12.80 -28.68
N LYS C 204 6.12 11.81 -27.85
CA LYS C 204 6.48 10.49 -28.37
C LYS C 204 5.37 9.82 -29.16
N PRO C 205 4.10 9.86 -28.75
CA PRO C 205 3.07 9.15 -29.54
C PRO C 205 2.98 9.63 -30.98
N SER C 206 3.34 10.88 -31.27
CA SER C 206 3.37 11.32 -32.65
C SER C 206 4.79 11.48 -33.17
N ASN C 207 5.80 11.13 -32.37
CA ASN C 207 7.20 11.21 -32.80
C ASN C 207 7.57 12.62 -33.26
N THR C 208 6.97 13.62 -32.61
CA THR C 208 7.25 15.03 -32.88
C THR C 208 8.26 15.54 -31.87
N LYS C 209 9.22 16.31 -32.34
CA LYS C 209 10.21 16.84 -31.43
C LYS C 209 10.41 18.27 -31.80
N VAL C 210 10.20 19.19 -30.89
CA VAL C 210 10.39 20.58 -31.23
C VAL C 210 11.20 21.35 -30.23
N ASP C 211 12.37 21.79 -30.67
CA ASP C 211 13.24 22.62 -29.88
C ASP C 211 12.90 24.00 -30.36
N LYS C 212 12.76 24.94 -29.45
CA LYS C 212 12.21 26.20 -29.95
C LYS C 212 12.81 27.39 -29.25
N ARG C 213 13.33 28.36 -29.97
CA ARG C 213 14.00 29.48 -29.27
C ARG C 213 13.09 30.46 -28.52
N VAL C 214 13.48 30.97 -27.34
CA VAL C 214 12.57 31.92 -26.71
C VAL C 214 13.35 33.21 -26.50
N GLU C 215 13.14 34.19 -27.39
CA GLU C 215 13.95 35.39 -27.28
C GLU C 215 13.14 36.57 -26.76
N PRO C 216 13.73 37.41 -25.93
CA PRO C 216 13.10 38.69 -25.60
C PRO C 216 13.13 39.60 -26.81
N LYS C 217 12.06 40.36 -27.01
CA LYS C 217 12.02 41.28 -28.13
C LYS C 217 12.10 42.73 -27.64
N SER C 218 12.56 43.59 -28.56
CA SER C 218 12.68 45.04 -28.33
C SER C 218 13.14 45.69 -29.63
#